data_1D99
# 
_entry.id   1D99 
# 
_audit_conform.dict_name       mmcif_pdbx.dic 
_audit_conform.dict_version    5.385 
_audit_conform.dict_location   http://mmcif.pdb.org/dictionaries/ascii/mmcif_pdbx.dic 
# 
loop_
_database_2.database_id 
_database_2.database_code 
_database_2.pdbx_database_accession 
_database_2.pdbx_DOI 
PDB   1D99         pdb_00001d99 10.2210/pdb1d99/pdb 
RCSB  BDL011       ?            ?                   
WWPDB D_1000172694 ?            ?                   
# 
loop_
_pdbx_audit_revision_history.ordinal 
_pdbx_audit_revision_history.data_content_type 
_pdbx_audit_revision_history.major_revision 
_pdbx_audit_revision_history.minor_revision 
_pdbx_audit_revision_history.revision_date 
1 'Structure model' 1 0 1993-07-15 
2 'Structure model' 1 1 2008-05-22 
3 'Structure model' 1 2 2011-07-13 
4 'Structure model' 1 3 2024-02-07 
# 
_pdbx_audit_revision_details.ordinal             1 
_pdbx_audit_revision_details.revision_ordinal    1 
_pdbx_audit_revision_details.data_content_type   'Structure model' 
_pdbx_audit_revision_details.provider            repository 
_pdbx_audit_revision_details.type                'Initial release' 
_pdbx_audit_revision_details.description         ? 
_pdbx_audit_revision_details.details             ? 
# 
loop_
_pdbx_audit_revision_group.ordinal 
_pdbx_audit_revision_group.revision_ordinal 
_pdbx_audit_revision_group.data_content_type 
_pdbx_audit_revision_group.group 
1 2 'Structure model' 'Version format compliance' 
2 3 'Structure model' 'Version format compliance' 
3 4 'Structure model' 'Data collection'           
4 4 'Structure model' 'Database references'       
# 
loop_
_pdbx_audit_revision_category.ordinal 
_pdbx_audit_revision_category.revision_ordinal 
_pdbx_audit_revision_category.data_content_type 
_pdbx_audit_revision_category.category 
1 4 'Structure model' chem_comp_atom 
2 4 'Structure model' chem_comp_bond 
3 4 'Structure model' database_2     
# 
loop_
_pdbx_audit_revision_item.ordinal 
_pdbx_audit_revision_item.revision_ordinal 
_pdbx_audit_revision_item.data_content_type 
_pdbx_audit_revision_item.item 
1 4 'Structure model' '_database_2.pdbx_DOI'                
2 4 'Structure model' '_database_2.pdbx_database_accession' 
# 
_pdbx_database_status.status_code                     REL 
_pdbx_database_status.entry_id                        1D99 
_pdbx_database_status.recvd_initial_deposition_date   1992-10-17 
_pdbx_database_status.deposit_site                    BNL 
_pdbx_database_status.process_site                    NDB 
_pdbx_database_status.SG_entry                        . 
_pdbx_database_status.pdb_format_compatible           Y 
_pdbx_database_status.status_code_mr                  ? 
_pdbx_database_status.status_code_sf                  ? 
_pdbx_database_status.status_code_cs                  ? 
_pdbx_database_status.status_code_nmr_data            ? 
_pdbx_database_status.methods_development_category    ? 
# 
loop_
_audit_author.name 
_audit_author.pdbx_ordinal 
'Hunter, W.N.' 1 
'Brown, T.'    2 
'Kennard, O.'  3 
# 
loop_
_citation.id 
_citation.title 
_citation.journal_abbrev 
_citation.journal_volume 
_citation.page_first 
_citation.page_last 
_citation.year 
_citation.journal_id_ASTM 
_citation.country 
_citation.journal_id_ISSN 
_citation.journal_id_CSD 
_citation.book_publisher 
_citation.pdbx_database_id_PubMed 
_citation.pdbx_database_id_DOI 
primary 'Structural features and hydration of a dodecamer duplex containing two C.A mispairs.'        'Nucleic Acids Res.' 15  
6589 6605 1987 NARHAD UK 0305-1048 0389 ? 3627999 10.1093/nar/15.16.6589 
1       'Structure of an Adenine. Cytosine Base Pair in DNA and Its Implications for Mismatch Repair' Nature               320 552 
555  1986 NATUAS UK 0028-0836 0006 ? ?       ?                      
# 
loop_
_citation_author.citation_id 
_citation_author.name 
_citation_author.ordinal 
_citation_author.identifier_ORCID 
primary 'Hunter, W.N.' 1 ? 
primary 'Brown, T.'    2 ? 
primary 'Kennard, O.'  3 ? 
1       'Hunter, W.N.' 4 ? 
1       'Brown, T.'    5 ? 
1       'Anand, N.N.'  6 ? 
1       'Kennard, O.'  7 ? 
# 
loop_
_entity.id 
_entity.type 
_entity.src_method 
_entity.pdbx_description 
_entity.formula_weight 
_entity.pdbx_number_of_molecules 
_entity.pdbx_ec 
_entity.pdbx_mutation 
_entity.pdbx_fragment 
_entity.details 
1 polymer syn 
;DNA (5'-D(*CP*GP*CP*AP*AP*AP*TP*TP*CP*GP*CP*G)-3')
;
3647.393 2  ? ? ? ? 
2 water   nat water                                                18.015   78 ? ? ? ? 
# 
_entity_poly.entity_id                      1 
_entity_poly.type                           polydeoxyribonucleotide 
_entity_poly.nstd_linkage                   no 
_entity_poly.nstd_monomer                   no 
_entity_poly.pdbx_seq_one_letter_code       '(DC)(DG)(DC)(DA)(DA)(DA)(DT)(DT)(DC)(DG)(DC)(DG)' 
_entity_poly.pdbx_seq_one_letter_code_can   CGCAAATTCGCG 
_entity_poly.pdbx_strand_id                 A,B 
_entity_poly.pdbx_target_identifier         ? 
# 
_pdbx_entity_nonpoly.entity_id   2 
_pdbx_entity_nonpoly.name        water 
_pdbx_entity_nonpoly.comp_id     HOH 
# 
loop_
_entity_poly_seq.entity_id 
_entity_poly_seq.num 
_entity_poly_seq.mon_id 
_entity_poly_seq.hetero 
1 1  DC n 
1 2  DG n 
1 3  DC n 
1 4  DA n 
1 5  DA n 
1 6  DA n 
1 7  DT n 
1 8  DT n 
1 9  DC n 
1 10 DG n 
1 11 DC n 
1 12 DG n 
# 
loop_
_chem_comp.id 
_chem_comp.type 
_chem_comp.mon_nstd_flag 
_chem_comp.name 
_chem_comp.pdbx_synonyms 
_chem_comp.formula 
_chem_comp.formula_weight 
DA  'DNA linking' y "2'-DEOXYADENOSINE-5'-MONOPHOSPHATE" ? 'C10 H14 N5 O6 P' 331.222 
DC  'DNA linking' y "2'-DEOXYCYTIDINE-5'-MONOPHOSPHATE"  ? 'C9 H14 N3 O7 P'  307.197 
DG  'DNA linking' y "2'-DEOXYGUANOSINE-5'-MONOPHOSPHATE" ? 'C10 H14 N5 O7 P' 347.221 
DT  'DNA linking' y "THYMIDINE-5'-MONOPHOSPHATE"         ? 'C10 H15 N2 O8 P' 322.208 
HOH non-polymer   . WATER                                ? 'H2 O'            18.015  
# 
loop_
_pdbx_poly_seq_scheme.asym_id 
_pdbx_poly_seq_scheme.entity_id 
_pdbx_poly_seq_scheme.seq_id 
_pdbx_poly_seq_scheme.mon_id 
_pdbx_poly_seq_scheme.ndb_seq_num 
_pdbx_poly_seq_scheme.pdb_seq_num 
_pdbx_poly_seq_scheme.auth_seq_num 
_pdbx_poly_seq_scheme.pdb_mon_id 
_pdbx_poly_seq_scheme.auth_mon_id 
_pdbx_poly_seq_scheme.pdb_strand_id 
_pdbx_poly_seq_scheme.pdb_ins_code 
_pdbx_poly_seq_scheme.hetero 
A 1 1  DC 1  1  1  DC C A . n 
A 1 2  DG 2  2  2  DG G A . n 
A 1 3  DC 3  3  3  DC C A . n 
A 1 4  DA 4  4  4  DA A A . n 
A 1 5  DA 5  5  5  DA A A . n 
A 1 6  DA 6  6  6  DA A A . n 
A 1 7  DT 7  7  7  DT T A . n 
A 1 8  DT 8  8  8  DT T A . n 
A 1 9  DC 9  9  9  DC C A . n 
A 1 10 DG 10 10 10 DG G A . n 
A 1 11 DC 11 11 11 DC C A . n 
A 1 12 DG 12 12 12 DG G A . n 
B 1 1  DC 1  13 13 DC C B . n 
B 1 2  DG 2  14 14 DG G B . n 
B 1 3  DC 3  15 15 DC C B . n 
B 1 4  DA 4  16 16 DA A B . n 
B 1 5  DA 5  17 17 DA A B . n 
B 1 6  DA 6  18 18 DA A B . n 
B 1 7  DT 7  19 19 DT T B . n 
B 1 8  DT 8  20 20 DT T B . n 
B 1 9  DC 9  21 21 DC C B . n 
B 1 10 DG 10 22 22 DG G B . n 
B 1 11 DC 11 23 23 DC C B . n 
B 1 12 DG 12 24 24 DG G B . n 
# 
loop_
_pdbx_nonpoly_scheme.asym_id 
_pdbx_nonpoly_scheme.entity_id 
_pdbx_nonpoly_scheme.mon_id 
_pdbx_nonpoly_scheme.ndb_seq_num 
_pdbx_nonpoly_scheme.pdb_seq_num 
_pdbx_nonpoly_scheme.auth_seq_num 
_pdbx_nonpoly_scheme.pdb_mon_id 
_pdbx_nonpoly_scheme.auth_mon_id 
_pdbx_nonpoly_scheme.pdb_strand_id 
_pdbx_nonpoly_scheme.pdb_ins_code 
C 2 HOH 1  26  26  HOH HOH A . 
C 2 HOH 2  33  33  HOH HOH A . 
C 2 HOH 3  34  34  HOH HOH A . 
C 2 HOH 4  35  35  HOH HOH A . 
C 2 HOH 5  39  39  HOH HOH A . 
C 2 HOH 6  40  40  HOH HOH A . 
C 2 HOH 7  42  42  HOH HOH A . 
C 2 HOH 8  45  45  HOH HOH A . 
C 2 HOH 9  48  48  HOH HOH A . 
C 2 HOH 10 50  50  HOH HOH A . 
C 2 HOH 11 53  53  HOH HOH A . 
C 2 HOH 12 54  54  HOH HOH A . 
C 2 HOH 13 55  55  HOH HOH A . 
C 2 HOH 14 57  57  HOH HOH A . 
C 2 HOH 15 58  58  HOH HOH A . 
C 2 HOH 16 60  60  HOH HOH A . 
C 2 HOH 17 68  68  HOH HOH A . 
C 2 HOH 18 70  70  HOH HOH A . 
C 2 HOH 19 72  72  HOH HOH A . 
C 2 HOH 20 73  73  HOH HOH A . 
C 2 HOH 21 75  75  HOH HOH A . 
C 2 HOH 22 79  79  HOH HOH A . 
C 2 HOH 23 80  80  HOH HOH A . 
C 2 HOH 24 81  81  HOH HOH A . 
C 2 HOH 25 83  83  HOH HOH A . 
C 2 HOH 26 85  85  HOH HOH A . 
C 2 HOH 27 86  86  HOH HOH A . 
C 2 HOH 28 88  88  HOH HOH A . 
C 2 HOH 29 89  89  HOH HOH A . 
C 2 HOH 30 92  92  HOH HOH A . 
C 2 HOH 31 93  93  HOH HOH A . 
C 2 HOH 32 96  96  HOH HOH A . 
C 2 HOH 33 97  97  HOH HOH A . 
C 2 HOH 34 98  98  HOH HOH A . 
D 2 HOH 1  25  25  HOH HOH B . 
D 2 HOH 2  27  27  HOH HOH B . 
D 2 HOH 3  28  28  HOH HOH B . 
D 2 HOH 4  29  29  HOH HOH B . 
D 2 HOH 5  30  30  HOH HOH B . 
D 2 HOH 6  31  31  HOH HOH B . 
D 2 HOH 7  32  32  HOH HOH B . 
D 2 HOH 8  36  36  HOH HOH B . 
D 2 HOH 9  37  37  HOH HOH B . 
D 2 HOH 10 38  38  HOH HOH B . 
D 2 HOH 11 41  41  HOH HOH B . 
D 2 HOH 12 43  43  HOH HOH B . 
D 2 HOH 13 44  44  HOH HOH B . 
D 2 HOH 14 46  46  HOH HOH B . 
D 2 HOH 15 47  47  HOH HOH B . 
D 2 HOH 16 49  49  HOH HOH B . 
D 2 HOH 17 51  51  HOH HOH B . 
D 2 HOH 18 52  52  HOH HOH B . 
D 2 HOH 19 56  56  HOH HOH B . 
D 2 HOH 20 59  59  HOH HOH B . 
D 2 HOH 21 61  61  HOH HOH B . 
D 2 HOH 22 62  62  HOH HOH B . 
D 2 HOH 23 63  63  HOH HOH B . 
D 2 HOH 24 64  64  HOH HOH B . 
D 2 HOH 25 65  65  HOH HOH B . 
D 2 HOH 26 66  66  HOH HOH B . 
D 2 HOH 27 67  67  HOH HOH B . 
D 2 HOH 28 69  69  HOH HOH B . 
D 2 HOH 29 71  71  HOH HOH B . 
D 2 HOH 30 74  74  HOH HOH B . 
D 2 HOH 31 76  76  HOH HOH B . 
D 2 HOH 32 77  77  HOH HOH B . 
D 2 HOH 33 78  78  HOH HOH B . 
D 2 HOH 34 82  82  HOH HOH B . 
D 2 HOH 35 84  84  HOH HOH B . 
D 2 HOH 36 87  87  HOH HOH B . 
D 2 HOH 37 90  90  HOH HOH B . 
D 2 HOH 38 91  91  HOH HOH B . 
D 2 HOH 39 94  94  HOH HOH B . 
D 2 HOH 40 95  95  HOH HOH B . 
D 2 HOH 41 99  99  HOH HOH B . 
D 2 HOH 42 100 100 HOH HOH B . 
D 2 HOH 43 101 101 HOH HOH B . 
D 2 HOH 44 102 102 HOH HOH B . 
# 
_software.name             NUCLSQ 
_software.classification   refinement 
_software.version          . 
_software.citation_id      ? 
_software.pdbx_ordinal     1 
# 
_cell.entry_id           1D99 
_cell.length_a           25.370 
_cell.length_b           41.440 
_cell.length_c           65.200 
_cell.angle_alpha        90.00 
_cell.angle_beta         90.00 
_cell.angle_gamma        90.00 
_cell.Z_PDB              8 
_cell.pdbx_unique_axis   ? 
# 
_symmetry.entry_id                         1D99 
_symmetry.space_group_name_H-M             'P 21 21 21' 
_symmetry.pdbx_full_space_group_name_H-M   ? 
_symmetry.cell_setting                     ? 
_symmetry.Int_Tables_number                19 
# 
_exptl.entry_id          1D99 
_exptl.method            'X-RAY DIFFRACTION' 
_exptl.crystals_number   ? 
# 
_exptl_crystal.id                    1 
_exptl_crystal.density_meas          ? 
_exptl_crystal.density_Matthews      2.35 
_exptl_crystal.density_percent_sol   47.64 
_exptl_crystal.description           ? 
# 
_exptl_crystal_grow.crystal_id      1 
_exptl_crystal_grow.method          'VAPOR DIFFUSION' 
_exptl_crystal_grow.temp            277.00 
_exptl_crystal_grow.temp_details    ? 
_exptl_crystal_grow.pH              7.40 
_exptl_crystal_grow.pdbx_details    'pH 7.40, VAPOR DIFFUSION, temperature 277.00K' 
_exptl_crystal_grow.pdbx_pH_range   ? 
# 
loop_
_exptl_crystal_grow_comp.crystal_id 
_exptl_crystal_grow_comp.id 
_exptl_crystal_grow_comp.sol_id 
_exptl_crystal_grow_comp.name 
_exptl_crystal_grow_comp.volume 
_exptl_crystal_grow_comp.conc 
_exptl_crystal_grow_comp.details 
1 1 1 WATER           ? ? ? 
1 2 1 MPD             ? ? ? 
1 3 1 'NA CACODYLATE' ? ? ? 
1 4 1 'MG ACETATE'    ? ? ? 
1 5 1 SPERMINE        ? ? ? 
1 6 2 WATER           ? ? ? 
# 
_diffrn.id                     1 
_diffrn.ambient_temp           277.00 
_diffrn.ambient_temp_details   ? 
_diffrn.crystal_id             1 
# 
_diffrn_detector.diffrn_id              1 
_diffrn_detector.detector               DIFFRACTOMETER 
_diffrn_detector.type                   ? 
_diffrn_detector.pdbx_collection_date   ? 
_diffrn_detector.details                ? 
# 
_diffrn_radiation.diffrn_id                        1 
_diffrn_radiation.wavelength_id                    1 
_diffrn_radiation.pdbx_monochromatic_or_laue_m_l   ? 
_diffrn_radiation.monochromator                    ? 
_diffrn_radiation.pdbx_diffrn_protocol             ? 
_diffrn_radiation.pdbx_scattering_type             x-ray 
# 
_diffrn_radiation_wavelength.id           1 
_diffrn_radiation_wavelength.wavelength   . 
_diffrn_radiation_wavelength.wt           1.0 
# 
_diffrn_source.diffrn_id                   1 
_diffrn_source.source                      ? 
_diffrn_source.type                        ? 
_diffrn_source.pdbx_synchrotron_site       ? 
_diffrn_source.pdbx_synchrotron_beamline   ? 
_diffrn_source.pdbx_wavelength             ? 
_diffrn_source.pdbx_wavelength_list        ? 
# 
_reflns.entry_id                     1D99 
_reflns.observed_criterion_sigma_I   ? 
_reflns.observed_criterion_sigma_F   2.000 
_reflns.d_resolution_low             ? 
_reflns.d_resolution_high            2.500 
_reflns.number_obs                   2452 
_reflns.number_all                   ? 
_reflns.percent_possible_obs         ? 
_reflns.pdbx_Rmerge_I_obs            ? 
_reflns.pdbx_Rsym_value              ? 
_reflns.pdbx_netI_over_sigmaI        ? 
_reflns.B_iso_Wilson_estimate        ? 
_reflns.pdbx_redundancy              ? 
_reflns.pdbx_diffrn_id               1 
_reflns.pdbx_ordinal                 1 
# 
_refine.entry_id                                 1D99 
_refine.ls_number_reflns_obs                     2029 
_refine.ls_number_reflns_all                     ? 
_refine.pdbx_ls_sigma_I                          2.000 
_refine.pdbx_ls_sigma_F                          ? 
_refine.pdbx_data_cutoff_high_absF               ? 
_refine.pdbx_data_cutoff_low_absF                ? 
_refine.pdbx_data_cutoff_high_rms_absF           ? 
_refine.ls_d_res_low                             8.000 
_refine.ls_d_res_high                            2.500 
_refine.ls_percent_reflns_obs                    ? 
_refine.ls_R_factor_obs                          0.1900000 
_refine.ls_R_factor_all                          ? 
_refine.ls_R_factor_R_work                       ? 
_refine.ls_R_factor_R_free                       ? 
_refine.ls_R_factor_R_free_error                 ? 
_refine.ls_R_factor_R_free_error_details         ? 
_refine.ls_percent_reflns_R_free                 ? 
_refine.ls_number_reflns_R_free                  ? 
_refine.ls_number_parameters                     ? 
_refine.ls_number_restraints                     ? 
_refine.occupancy_min                            ? 
_refine.occupancy_max                            ? 
_refine.B_iso_mean                               ? 
_refine.aniso_B[1][1]                            ? 
_refine.aniso_B[2][2]                            ? 
_refine.aniso_B[3][3]                            ? 
_refine.aniso_B[1][2]                            ? 
_refine.aniso_B[1][3]                            ? 
_refine.aniso_B[2][3]                            ? 
_refine.solvent_model_details                    ? 
_refine.solvent_model_param_ksol                 ? 
_refine.solvent_model_param_bsol                 ? 
_refine.pdbx_ls_cross_valid_method               ? 
_refine.details                                  ? 
_refine.pdbx_starting_model                      ? 
_refine.pdbx_method_to_determine_struct          ? 
_refine.pdbx_isotropic_thermal_model             ? 
_refine.pdbx_stereochemistry_target_values       ? 
_refine.pdbx_stereochem_target_val_spec_case     ? 
_refine.pdbx_R_Free_selection_details            ? 
_refine.pdbx_overall_ESU_R                       ? 
_refine.pdbx_overall_ESU_R_Free                  ? 
_refine.overall_SU_ML                            ? 
_refine.overall_SU_B                             ? 
_refine.pdbx_refine_id                           'X-RAY DIFFRACTION' 
_refine.pdbx_diffrn_id                           1 
_refine.pdbx_TLS_residual_ADP_flag               ? 
_refine.correlation_coeff_Fo_to_Fc               ? 
_refine.correlation_coeff_Fo_to_Fc_free          ? 
_refine.pdbx_solvent_vdw_probe_radii             ? 
_refine.pdbx_solvent_ion_probe_radii             ? 
_refine.pdbx_solvent_shrinkage_radii             ? 
_refine.pdbx_overall_phase_error                 ? 
_refine.overall_SU_R_Cruickshank_DPI             ? 
_refine.pdbx_overall_SU_R_free_Cruickshank_DPI   ? 
_refine.pdbx_overall_SU_R_Blow_DPI               ? 
_refine.pdbx_overall_SU_R_free_Blow_DPI          ? 
# 
_refine_hist.pdbx_refine_id                   'X-RAY DIFFRACTION' 
_refine_hist.cycle_id                         LAST 
_refine_hist.pdbx_number_atoms_protein        0 
_refine_hist.pdbx_number_atoms_nucleic_acid   484 
_refine_hist.pdbx_number_atoms_ligand         0 
_refine_hist.number_atoms_solvent             78 
_refine_hist.number_atoms_total               562 
_refine_hist.d_res_high                       2.500 
_refine_hist.d_res_low                        8.000 
# 
_struct.entry_id                  1D99 
_struct.title                     'STRUCTURAL FEATURES AND HYDRATION OF A DODECAMER DUPLEX CONTAINING TWO C.A MISPAIRS' 
_struct.pdbx_model_details        ? 
_struct.pdbx_CASP_flag            ? 
_struct.pdbx_model_type_details   ? 
# 
_struct_keywords.entry_id        1D99 
_struct_keywords.pdbx_keywords   DNA 
_struct_keywords.text            'B-DNA, DOUBLE HELIX, MISMATCHED, DNA' 
# 
loop_
_struct_asym.id 
_struct_asym.pdbx_blank_PDB_chainid_flag 
_struct_asym.pdbx_modified 
_struct_asym.entity_id 
_struct_asym.details 
A N N 1 ? 
B N N 1 ? 
C N N 2 ? 
D N N 2 ? 
# 
_struct_ref.id                         1 
_struct_ref.entity_id                  1 
_struct_ref.db_name                    PDB 
_struct_ref.db_code                    1D99 
_struct_ref.pdbx_db_accession          1D99 
_struct_ref.pdbx_db_isoform            ? 
_struct_ref.pdbx_seq_one_letter_code   ? 
_struct_ref.pdbx_align_begin           ? 
# 
loop_
_struct_ref_seq.align_id 
_struct_ref_seq.ref_id 
_struct_ref_seq.pdbx_PDB_id_code 
_struct_ref_seq.pdbx_strand_id 
_struct_ref_seq.seq_align_beg 
_struct_ref_seq.pdbx_seq_align_beg_ins_code 
_struct_ref_seq.seq_align_end 
_struct_ref_seq.pdbx_seq_align_end_ins_code 
_struct_ref_seq.pdbx_db_accession 
_struct_ref_seq.db_align_beg 
_struct_ref_seq.pdbx_db_align_beg_ins_code 
_struct_ref_seq.db_align_end 
_struct_ref_seq.pdbx_db_align_end_ins_code 
_struct_ref_seq.pdbx_auth_seq_align_beg 
_struct_ref_seq.pdbx_auth_seq_align_end 
1 1 1D99 A 1 ? 12 ? 1D99 1  ? 12 ? 1  12 
2 1 1D99 B 1 ? 12 ? 1D99 13 ? 24 ? 13 24 
# 
_pdbx_struct_assembly.id                   1 
_pdbx_struct_assembly.details              author_defined_assembly 
_pdbx_struct_assembly.method_details       ? 
_pdbx_struct_assembly.oligomeric_details   dimeric 
_pdbx_struct_assembly.oligomeric_count     2 
# 
_pdbx_struct_assembly_gen.assembly_id       1 
_pdbx_struct_assembly_gen.oper_expression   1 
_pdbx_struct_assembly_gen.asym_id_list      A,B,C,D 
# 
_pdbx_struct_oper_list.id                   1 
_pdbx_struct_oper_list.type                 'identity operation' 
_pdbx_struct_oper_list.name                 1_555 
_pdbx_struct_oper_list.symmetry_operation   x,y,z 
_pdbx_struct_oper_list.matrix[1][1]         1.0000000000 
_pdbx_struct_oper_list.matrix[1][2]         0.0000000000 
_pdbx_struct_oper_list.matrix[1][3]         0.0000000000 
_pdbx_struct_oper_list.vector[1]            0.0000000000 
_pdbx_struct_oper_list.matrix[2][1]         0.0000000000 
_pdbx_struct_oper_list.matrix[2][2]         1.0000000000 
_pdbx_struct_oper_list.matrix[2][3]         0.0000000000 
_pdbx_struct_oper_list.vector[2]            0.0000000000 
_pdbx_struct_oper_list.matrix[3][1]         0.0000000000 
_pdbx_struct_oper_list.matrix[3][2]         0.0000000000 
_pdbx_struct_oper_list.matrix[3][3]         1.0000000000 
_pdbx_struct_oper_list.vector[3]            0.0000000000 
# 
_struct_biol.id   1 
# 
loop_
_struct_conn.id 
_struct_conn.conn_type_id 
_struct_conn.pdbx_leaving_atom_flag 
_struct_conn.pdbx_PDB_id 
_struct_conn.ptnr1_label_asym_id 
_struct_conn.ptnr1_label_comp_id 
_struct_conn.ptnr1_label_seq_id 
_struct_conn.ptnr1_label_atom_id 
_struct_conn.pdbx_ptnr1_label_alt_id 
_struct_conn.pdbx_ptnr1_PDB_ins_code 
_struct_conn.pdbx_ptnr1_standard_comp_id 
_struct_conn.ptnr1_symmetry 
_struct_conn.ptnr2_label_asym_id 
_struct_conn.ptnr2_label_comp_id 
_struct_conn.ptnr2_label_seq_id 
_struct_conn.ptnr2_label_atom_id 
_struct_conn.pdbx_ptnr2_label_alt_id 
_struct_conn.pdbx_ptnr2_PDB_ins_code 
_struct_conn.ptnr1_auth_asym_id 
_struct_conn.ptnr1_auth_comp_id 
_struct_conn.ptnr1_auth_seq_id 
_struct_conn.ptnr2_auth_asym_id 
_struct_conn.ptnr2_auth_comp_id 
_struct_conn.ptnr2_auth_seq_id 
_struct_conn.ptnr2_symmetry 
_struct_conn.pdbx_ptnr3_label_atom_id 
_struct_conn.pdbx_ptnr3_label_seq_id 
_struct_conn.pdbx_ptnr3_label_comp_id 
_struct_conn.pdbx_ptnr3_label_asym_id 
_struct_conn.pdbx_ptnr3_label_alt_id 
_struct_conn.pdbx_ptnr3_PDB_ins_code 
_struct_conn.details 
_struct_conn.pdbx_dist_value 
_struct_conn.pdbx_value_order 
_struct_conn.pdbx_role 
hydrog1  hydrog ? ? A DC 1  N3 ? ? ? 1_555 B DG 12 N1 ? ? A DC 1  B DG 24 1_555 ? ? ? ? ? ? WATSON-CRICK    ? ? ? 
hydrog2  hydrog ? ? A DC 1  N4 ? ? ? 1_555 B DG 12 O6 ? ? A DC 1  B DG 24 1_555 ? ? ? ? ? ? WATSON-CRICK    ? ? ? 
hydrog3  hydrog ? ? A DC 1  O2 ? ? ? 1_555 B DG 12 N2 ? ? A DC 1  B DG 24 1_555 ? ? ? ? ? ? WATSON-CRICK    ? ? ? 
hydrog4  hydrog ? ? A DG 2  N1 ? ? ? 1_555 B DC 11 N3 ? ? A DG 2  B DC 23 1_555 ? ? ? ? ? ? WATSON-CRICK    ? ? ? 
hydrog5  hydrog ? ? A DG 2  N2 ? ? ? 1_555 B DC 11 O2 ? ? A DG 2  B DC 23 1_555 ? ? ? ? ? ? WATSON-CRICK    ? ? ? 
hydrog6  hydrog ? ? A DG 2  O6 ? ? ? 1_555 B DC 11 N4 ? ? A DG 2  B DC 23 1_555 ? ? ? ? ? ? WATSON-CRICK    ? ? ? 
hydrog7  hydrog ? ? A DC 3  N3 ? ? ? 1_555 B DG 10 N1 ? ? A DC 3  B DG 22 1_555 ? ? ? ? ? ? WATSON-CRICK    ? ? ? 
hydrog8  hydrog ? ? A DC 3  N4 ? ? ? 1_555 B DG 10 O6 ? ? A DC 3  B DG 22 1_555 ? ? ? ? ? ? WATSON-CRICK    ? ? ? 
hydrog9  hydrog ? ? A DC 3  O2 ? ? ? 1_555 B DG 10 N2 ? ? A DC 3  B DG 22 1_555 ? ? ? ? ? ? WATSON-CRICK    ? ? ? 
hydrog10 hydrog ? ? A DA 4  N6 ? ? ? 1_555 B DC 9  N3 ? ? A DA 4  B DC 21 1_555 ? ? ? ? ? ? 'DA-DC MISPAIR' ? ? ? 
hydrog11 hydrog ? ? A DA 5  N1 ? ? ? 1_555 B DT 8  N3 ? ? A DA 5  B DT 20 1_555 ? ? ? ? ? ? WATSON-CRICK    ? ? ? 
hydrog12 hydrog ? ? A DA 5  N6 ? ? ? 1_555 B DT 8  O4 ? ? A DA 5  B DT 20 1_555 ? ? ? ? ? ? WATSON-CRICK    ? ? ? 
hydrog13 hydrog ? ? A DA 6  N1 ? ? ? 1_555 B DT 7  N3 ? ? A DA 6  B DT 19 1_555 ? ? ? ? ? ? WATSON-CRICK    ? ? ? 
hydrog14 hydrog ? ? A DA 6  N6 ? ? ? 1_555 B DT 7  O4 ? ? A DA 6  B DT 19 1_555 ? ? ? ? ? ? WATSON-CRICK    ? ? ? 
hydrog15 hydrog ? ? A DT 7  N3 ? ? ? 1_555 B DA 6  N1 ? ? A DT 7  B DA 18 1_555 ? ? ? ? ? ? WATSON-CRICK    ? ? ? 
hydrog16 hydrog ? ? A DT 7  O4 ? ? ? 1_555 B DA 6  N6 ? ? A DT 7  B DA 18 1_555 ? ? ? ? ? ? WATSON-CRICK    ? ? ? 
hydrog17 hydrog ? ? A DT 8  N3 ? ? ? 1_555 B DA 5  N1 ? ? A DT 8  B DA 17 1_555 ? ? ? ? ? ? WATSON-CRICK    ? ? ? 
hydrog18 hydrog ? ? A DT 8  O4 ? ? ? 1_555 B DA 5  N6 ? ? A DT 8  B DA 17 1_555 ? ? ? ? ? ? WATSON-CRICK    ? ? ? 
hydrog19 hydrog ? ? A DC 9  N3 ? ? ? 1_555 B DA 4  N6 ? ? A DC 9  B DA 16 1_555 ? ? ? ? ? ? 'DC-DA MISPAIR' ? ? ? 
hydrog20 hydrog ? ? A DG 10 N1 ? ? ? 1_555 B DC 3  N3 ? ? A DG 10 B DC 15 1_555 ? ? ? ? ? ? WATSON-CRICK    ? ? ? 
hydrog21 hydrog ? ? A DG 10 N2 ? ? ? 1_555 B DC 3  O2 ? ? A DG 10 B DC 15 1_555 ? ? ? ? ? ? WATSON-CRICK    ? ? ? 
hydrog22 hydrog ? ? A DG 10 O6 ? ? ? 1_555 B DC 3  N4 ? ? A DG 10 B DC 15 1_555 ? ? ? ? ? ? WATSON-CRICK    ? ? ? 
hydrog23 hydrog ? ? A DC 11 N3 ? ? ? 1_555 B DG 2  N1 ? ? A DC 11 B DG 14 1_555 ? ? ? ? ? ? WATSON-CRICK    ? ? ? 
hydrog24 hydrog ? ? A DC 11 N4 ? ? ? 1_555 B DG 2  O6 ? ? A DC 11 B DG 14 1_555 ? ? ? ? ? ? WATSON-CRICK    ? ? ? 
hydrog25 hydrog ? ? A DC 11 O2 ? ? ? 1_555 B DG 2  N2 ? ? A DC 11 B DG 14 1_555 ? ? ? ? ? ? WATSON-CRICK    ? ? ? 
hydrog26 hydrog ? ? A DG 12 N1 ? ? ? 1_555 B DC 1  N3 ? ? A DG 12 B DC 13 1_555 ? ? ? ? ? ? WATSON-CRICK    ? ? ? 
hydrog27 hydrog ? ? A DG 12 N2 ? ? ? 1_555 B DC 1  O2 ? ? A DG 12 B DC 13 1_555 ? ? ? ? ? ? WATSON-CRICK    ? ? ? 
hydrog28 hydrog ? ? A DG 12 O6 ? ? ? 1_555 B DC 1  N4 ? ? A DG 12 B DC 13 1_555 ? ? ? ? ? ? WATSON-CRICK    ? ? ? 
# 
_struct_conn_type.id          hydrog 
_struct_conn_type.criteria    ? 
_struct_conn_type.reference   ? 
# 
_pdbx_validate_symm_contact.id                1 
_pdbx_validate_symm_contact.PDB_model_num     1 
_pdbx_validate_symm_contact.auth_atom_id_1    O 
_pdbx_validate_symm_contact.auth_asym_id_1    A 
_pdbx_validate_symm_contact.auth_comp_id_1    HOH 
_pdbx_validate_symm_contact.auth_seq_id_1     79 
_pdbx_validate_symm_contact.PDB_ins_code_1    ? 
_pdbx_validate_symm_contact.label_alt_id_1    ? 
_pdbx_validate_symm_contact.site_symmetry_1   1_555 
_pdbx_validate_symm_contact.auth_atom_id_2    O 
_pdbx_validate_symm_contact.auth_asym_id_2    B 
_pdbx_validate_symm_contact.auth_comp_id_2    HOH 
_pdbx_validate_symm_contact.auth_seq_id_2     47 
_pdbx_validate_symm_contact.PDB_ins_code_2    ? 
_pdbx_validate_symm_contact.label_alt_id_2    ? 
_pdbx_validate_symm_contact.site_symmetry_2   3_645 
_pdbx_validate_symm_contact.dist              2.08 
# 
loop_
_pdbx_validate_rmsd_angle.id 
_pdbx_validate_rmsd_angle.PDB_model_num 
_pdbx_validate_rmsd_angle.auth_atom_id_1 
_pdbx_validate_rmsd_angle.auth_asym_id_1 
_pdbx_validate_rmsd_angle.auth_comp_id_1 
_pdbx_validate_rmsd_angle.auth_seq_id_1 
_pdbx_validate_rmsd_angle.PDB_ins_code_1 
_pdbx_validate_rmsd_angle.label_alt_id_1 
_pdbx_validate_rmsd_angle.auth_atom_id_2 
_pdbx_validate_rmsd_angle.auth_asym_id_2 
_pdbx_validate_rmsd_angle.auth_comp_id_2 
_pdbx_validate_rmsd_angle.auth_seq_id_2 
_pdbx_validate_rmsd_angle.PDB_ins_code_2 
_pdbx_validate_rmsd_angle.label_alt_id_2 
_pdbx_validate_rmsd_angle.auth_atom_id_3 
_pdbx_validate_rmsd_angle.auth_asym_id_3 
_pdbx_validate_rmsd_angle.auth_comp_id_3 
_pdbx_validate_rmsd_angle.auth_seq_id_3 
_pdbx_validate_rmsd_angle.PDB_ins_code_3 
_pdbx_validate_rmsd_angle.label_alt_id_3 
_pdbx_validate_rmsd_angle.angle_value 
_pdbx_validate_rmsd_angle.angle_target_value 
_pdbx_validate_rmsd_angle.angle_deviation 
_pdbx_validate_rmsd_angle.angle_standard_deviation 
_pdbx_validate_rmsd_angle.linker_flag 
1  1 "O4'" A DC 1  ? ? "C1'" A DC 1  ? ? N1    A DC 1  ? ? 110.74 108.30 2.44  0.30 N 
2  1 "C3'" A DC 1  ? ? "O3'" A DC 1  ? ? P     A DG 2  ? ? 133.74 119.70 14.04 1.20 Y 
3  1 "O4'" A DG 2  ? ? "C1'" A DG 2  ? ? N9    A DG 2  ? ? 112.03 108.30 3.73  0.30 N 
4  1 "O4'" A DC 3  ? ? "C1'" A DC 3  ? ? N1    A DC 3  ? ? 117.94 108.30 9.64  0.30 N 
5  1 P     A DA 5  ? ? "O5'" A DA 5  ? ? "C5'" A DA 5  ? ? 133.84 120.90 12.94 1.60 N 
6  1 C6    A DA 5  ? ? N1    A DA 5  ? ? C2    A DA 5  ? ? 123.08 118.60 4.48  0.60 N 
7  1 N1    A DT 7  ? ? C2    A DT 7  ? ? O2    A DT 7  ? ? 129.14 123.10 6.04  0.80 N 
8  1 N3    A DT 7  ? ? C2    A DT 7  ? ? O2    A DT 7  ? ? 117.94 122.30 -4.36 0.60 N 
9  1 "C3'" A DT 7  ? ? "O3'" A DT 7  ? ? P     A DT 8  ? ? 127.99 119.70 8.29  1.20 Y 
10 1 "O4'" A DT 8  ? ? "C1'" A DT 8  ? ? N1    A DT 8  ? ? 111.00 108.30 2.70  0.30 N 
11 1 "C3'" A DT 8  ? ? "O3'" A DT 8  ? ? P     A DC 9  ? ? 130.20 119.70 10.50 1.20 Y 
12 1 "O4'" A DC 9  ? ? "C1'" A DC 9  ? ? "C2'" A DC 9  ? ? 111.29 106.80 4.49  0.50 N 
13 1 "O4'" A DC 9  ? ? "C1'" A DC 9  ? ? N1    A DC 9  ? ? 112.85 108.30 4.55  0.30 N 
14 1 "O4'" A DG 12 ? ? "C1'" A DG 12 ? ? "C2'" A DG 12 ? ? 109.88 106.80 3.08  0.50 N 
15 1 "C5'" B DC 13 ? ? "C4'" B DC 13 ? ? "C3'" B DC 13 ? ? 123.44 115.70 7.74  1.20 N 
16 1 N1    B DC 13 ? ? "C1'" B DC 13 ? ? "C2'" B DC 13 ? ? 124.74 114.30 10.44 1.40 N 
17 1 "C3'" B DC 13 ? ? "O3'" B DC 13 ? ? P     B DG 14 ? ? 127.23 119.70 7.53  1.20 Y 
18 1 "O4'" B DG 14 ? ? "C1'" B DG 14 ? ? N9    B DG 14 ? ? 111.95 108.30 3.65  0.30 N 
19 1 "O5'" B DC 15 ? ? "C5'" B DC 15 ? ? "C4'" B DC 15 ? ? 102.74 109.40 -6.66 0.80 N 
20 1 "O4'" B DC 15 ? ? "C4'" B DC 15 ? ? "C3'" B DC 15 ? ? 98.11  104.50 -6.39 0.40 N 
21 1 "O4'" B DC 15 ? ? "C1'" B DC 15 ? ? N1    B DC 15 ? ? 121.36 108.30 13.06 0.30 N 
22 1 "C3'" B DA 16 ? ? "O3'" B DA 16 ? ? P     B DA 17 ? ? 127.81 119.70 8.11  1.20 Y 
23 1 C8    B DA 17 ? ? N9    B DA 17 ? ? C4    B DA 17 ? ? 103.33 105.80 -2.47 0.40 N 
24 1 "C3'" B DA 17 ? ? "O3'" B DA 17 ? ? P     B DA 18 ? ? 132.13 119.70 12.43 1.20 Y 
25 1 "C5'" B DA 18 ? ? "C4'" B DA 18 ? ? "C3'" B DA 18 ? ? 123.17 115.70 7.47  1.20 N 
26 1 "O4'" B DA 18 ? ? "C1'" B DA 18 ? ? N9    B DA 18 ? ? 113.87 108.30 5.57  0.30 N 
27 1 C6    B DA 18 ? ? N1    B DA 18 ? ? C2    B DA 18 ? ? 122.83 118.60 4.23  0.60 N 
28 1 N1    B DA 18 ? ? C2    B DA 18 ? ? N3    B DA 18 ? ? 125.24 129.30 -4.06 0.50 N 
29 1 "C3'" B DA 18 ? ? "O3'" B DA 18 ? ? P     B DT 19 ? ? 132.31 119.70 12.61 1.20 Y 
30 1 "O4'" B DT 19 ? ? "C1'" B DT 19 ? ? N1    B DT 19 ? ? 111.24 108.30 2.94  0.30 N 
31 1 C6    B DT 19 ? ? C5    B DT 19 ? ? C7    B DT 19 ? ? 119.14 122.90 -3.76 0.60 N 
32 1 "C3'" B DT 19 ? ? "O3'" B DT 19 ? ? P     B DT 20 ? ? 128.84 119.70 9.14  1.20 Y 
33 1 N1    B DC 21 ? ? "C1'" B DC 21 ? ? "C2'" B DC 21 ? ? 125.44 114.30 11.14 1.40 N 
34 1 "C5'" B DG 22 ? ? "C4'" B DG 22 ? ? "C3'" B DG 22 ? ? 122.93 115.70 7.23  1.20 N 
35 1 "C5'" B DG 22 ? ? "C4'" B DG 22 ? ? "O4'" B DG 22 ? ? 116.76 109.80 6.96  1.10 N 
36 1 "O4'" B DG 22 ? ? "C1'" B DG 22 ? ? N9    B DG 22 ? ? 113.21 108.30 4.91  0.30 N 
37 1 "O4'" B DC 23 ? ? "C1'" B DC 23 ? ? N1    B DC 23 ? ? 115.27 108.30 6.97  0.30 N 
38 1 "O4'" B DG 24 ? ? "C1'" B DG 24 ? ? N9    B DG 24 ? ? 113.12 108.30 4.82  0.30 N 
# 
_pdbx_validate_chiral.id              1 
_pdbx_validate_chiral.PDB_model_num   1 
_pdbx_validate_chiral.auth_atom_id    "C3'" 
_pdbx_validate_chiral.label_alt_id    ? 
_pdbx_validate_chiral.auth_asym_id    B 
_pdbx_validate_chiral.auth_comp_id    DC 
_pdbx_validate_chiral.auth_seq_id     23 
_pdbx_validate_chiral.PDB_ins_code    ? 
_pdbx_validate_chiral.details         'WRONG HAND' 
_pdbx_validate_chiral.omega           . 
# 
loop_
_refine_B_iso.class 
_refine_B_iso.details 
_refine_B_iso.treatment 
_refine_B_iso.pdbx_refine_id 
'ALL ATOMS'  TR isotropic 'X-RAY DIFFRACTION' 
'ALL WATERS' TR isotropic 'X-RAY DIFFRACTION' 
# 
loop_
_refine_occupancy.class 
_refine_occupancy.treatment 
_refine_occupancy.pdbx_refine_id 
'ALL ATOMS'  fix 'X-RAY DIFFRACTION' 
'ALL WATERS' fix 'X-RAY DIFFRACTION' 
# 
loop_
_chem_comp_atom.comp_id 
_chem_comp_atom.atom_id 
_chem_comp_atom.type_symbol 
_chem_comp_atom.pdbx_aromatic_flag 
_chem_comp_atom.pdbx_stereo_config 
_chem_comp_atom.pdbx_ordinal 
DA  OP3    O N N 1   
DA  P      P N N 2   
DA  OP1    O N N 3   
DA  OP2    O N N 4   
DA  "O5'"  O N N 5   
DA  "C5'"  C N N 6   
DA  "C4'"  C N R 7   
DA  "O4'"  O N N 8   
DA  "C3'"  C N S 9   
DA  "O3'"  O N N 10  
DA  "C2'"  C N N 11  
DA  "C1'"  C N R 12  
DA  N9     N Y N 13  
DA  C8     C Y N 14  
DA  N7     N Y N 15  
DA  C5     C Y N 16  
DA  C6     C Y N 17  
DA  N6     N N N 18  
DA  N1     N Y N 19  
DA  C2     C Y N 20  
DA  N3     N Y N 21  
DA  C4     C Y N 22  
DA  HOP3   H N N 23  
DA  HOP2   H N N 24  
DA  "H5'"  H N N 25  
DA  "H5''" H N N 26  
DA  "H4'"  H N N 27  
DA  "H3'"  H N N 28  
DA  "HO3'" H N N 29  
DA  "H2'"  H N N 30  
DA  "H2''" H N N 31  
DA  "H1'"  H N N 32  
DA  H8     H N N 33  
DA  H61    H N N 34  
DA  H62    H N N 35  
DA  H2     H N N 36  
DC  OP3    O N N 37  
DC  P      P N N 38  
DC  OP1    O N N 39  
DC  OP2    O N N 40  
DC  "O5'"  O N N 41  
DC  "C5'"  C N N 42  
DC  "C4'"  C N R 43  
DC  "O4'"  O N N 44  
DC  "C3'"  C N S 45  
DC  "O3'"  O N N 46  
DC  "C2'"  C N N 47  
DC  "C1'"  C N R 48  
DC  N1     N N N 49  
DC  C2     C N N 50  
DC  O2     O N N 51  
DC  N3     N N N 52  
DC  C4     C N N 53  
DC  N4     N N N 54  
DC  C5     C N N 55  
DC  C6     C N N 56  
DC  HOP3   H N N 57  
DC  HOP2   H N N 58  
DC  "H5'"  H N N 59  
DC  "H5''" H N N 60  
DC  "H4'"  H N N 61  
DC  "H3'"  H N N 62  
DC  "HO3'" H N N 63  
DC  "H2'"  H N N 64  
DC  "H2''" H N N 65  
DC  "H1'"  H N N 66  
DC  H41    H N N 67  
DC  H42    H N N 68  
DC  H5     H N N 69  
DC  H6     H N N 70  
DG  OP3    O N N 71  
DG  P      P N N 72  
DG  OP1    O N N 73  
DG  OP2    O N N 74  
DG  "O5'"  O N N 75  
DG  "C5'"  C N N 76  
DG  "C4'"  C N R 77  
DG  "O4'"  O N N 78  
DG  "C3'"  C N S 79  
DG  "O3'"  O N N 80  
DG  "C2'"  C N N 81  
DG  "C1'"  C N R 82  
DG  N9     N Y N 83  
DG  C8     C Y N 84  
DG  N7     N Y N 85  
DG  C5     C Y N 86  
DG  C6     C N N 87  
DG  O6     O N N 88  
DG  N1     N N N 89  
DG  C2     C N N 90  
DG  N2     N N N 91  
DG  N3     N N N 92  
DG  C4     C Y N 93  
DG  HOP3   H N N 94  
DG  HOP2   H N N 95  
DG  "H5'"  H N N 96  
DG  "H5''" H N N 97  
DG  "H4'"  H N N 98  
DG  "H3'"  H N N 99  
DG  "HO3'" H N N 100 
DG  "H2'"  H N N 101 
DG  "H2''" H N N 102 
DG  "H1'"  H N N 103 
DG  H8     H N N 104 
DG  H1     H N N 105 
DG  H21    H N N 106 
DG  H22    H N N 107 
DT  OP3    O N N 108 
DT  P      P N N 109 
DT  OP1    O N N 110 
DT  OP2    O N N 111 
DT  "O5'"  O N N 112 
DT  "C5'"  C N N 113 
DT  "C4'"  C N R 114 
DT  "O4'"  O N N 115 
DT  "C3'"  C N S 116 
DT  "O3'"  O N N 117 
DT  "C2'"  C N N 118 
DT  "C1'"  C N R 119 
DT  N1     N N N 120 
DT  C2     C N N 121 
DT  O2     O N N 122 
DT  N3     N N N 123 
DT  C4     C N N 124 
DT  O4     O N N 125 
DT  C5     C N N 126 
DT  C7     C N N 127 
DT  C6     C N N 128 
DT  HOP3   H N N 129 
DT  HOP2   H N N 130 
DT  "H5'"  H N N 131 
DT  "H5''" H N N 132 
DT  "H4'"  H N N 133 
DT  "H3'"  H N N 134 
DT  "HO3'" H N N 135 
DT  "H2'"  H N N 136 
DT  "H2''" H N N 137 
DT  "H1'"  H N N 138 
DT  H3     H N N 139 
DT  H71    H N N 140 
DT  H72    H N N 141 
DT  H73    H N N 142 
DT  H6     H N N 143 
HOH O      O N N 144 
HOH H1     H N N 145 
HOH H2     H N N 146 
# 
loop_
_chem_comp_bond.comp_id 
_chem_comp_bond.atom_id_1 
_chem_comp_bond.atom_id_2 
_chem_comp_bond.value_order 
_chem_comp_bond.pdbx_aromatic_flag 
_chem_comp_bond.pdbx_stereo_config 
_chem_comp_bond.pdbx_ordinal 
DA  OP3   P      sing N N 1   
DA  OP3   HOP3   sing N N 2   
DA  P     OP1    doub N N 3   
DA  P     OP2    sing N N 4   
DA  P     "O5'"  sing N N 5   
DA  OP2   HOP2   sing N N 6   
DA  "O5'" "C5'"  sing N N 7   
DA  "C5'" "C4'"  sing N N 8   
DA  "C5'" "H5'"  sing N N 9   
DA  "C5'" "H5''" sing N N 10  
DA  "C4'" "O4'"  sing N N 11  
DA  "C4'" "C3'"  sing N N 12  
DA  "C4'" "H4'"  sing N N 13  
DA  "O4'" "C1'"  sing N N 14  
DA  "C3'" "O3'"  sing N N 15  
DA  "C3'" "C2'"  sing N N 16  
DA  "C3'" "H3'"  sing N N 17  
DA  "O3'" "HO3'" sing N N 18  
DA  "C2'" "C1'"  sing N N 19  
DA  "C2'" "H2'"  sing N N 20  
DA  "C2'" "H2''" sing N N 21  
DA  "C1'" N9     sing N N 22  
DA  "C1'" "H1'"  sing N N 23  
DA  N9    C8     sing Y N 24  
DA  N9    C4     sing Y N 25  
DA  C8    N7     doub Y N 26  
DA  C8    H8     sing N N 27  
DA  N7    C5     sing Y N 28  
DA  C5    C6     sing Y N 29  
DA  C5    C4     doub Y N 30  
DA  C6    N6     sing N N 31  
DA  C6    N1     doub Y N 32  
DA  N6    H61    sing N N 33  
DA  N6    H62    sing N N 34  
DA  N1    C2     sing Y N 35  
DA  C2    N3     doub Y N 36  
DA  C2    H2     sing N N 37  
DA  N3    C4     sing Y N 38  
DC  OP3   P      sing N N 39  
DC  OP3   HOP3   sing N N 40  
DC  P     OP1    doub N N 41  
DC  P     OP2    sing N N 42  
DC  P     "O5'"  sing N N 43  
DC  OP2   HOP2   sing N N 44  
DC  "O5'" "C5'"  sing N N 45  
DC  "C5'" "C4'"  sing N N 46  
DC  "C5'" "H5'"  sing N N 47  
DC  "C5'" "H5''" sing N N 48  
DC  "C4'" "O4'"  sing N N 49  
DC  "C4'" "C3'"  sing N N 50  
DC  "C4'" "H4'"  sing N N 51  
DC  "O4'" "C1'"  sing N N 52  
DC  "C3'" "O3'"  sing N N 53  
DC  "C3'" "C2'"  sing N N 54  
DC  "C3'" "H3'"  sing N N 55  
DC  "O3'" "HO3'" sing N N 56  
DC  "C2'" "C1'"  sing N N 57  
DC  "C2'" "H2'"  sing N N 58  
DC  "C2'" "H2''" sing N N 59  
DC  "C1'" N1     sing N N 60  
DC  "C1'" "H1'"  sing N N 61  
DC  N1    C2     sing N N 62  
DC  N1    C6     sing N N 63  
DC  C2    O2     doub N N 64  
DC  C2    N3     sing N N 65  
DC  N3    C4     doub N N 66  
DC  C4    N4     sing N N 67  
DC  C4    C5     sing N N 68  
DC  N4    H41    sing N N 69  
DC  N4    H42    sing N N 70  
DC  C5    C6     doub N N 71  
DC  C5    H5     sing N N 72  
DC  C6    H6     sing N N 73  
DG  OP3   P      sing N N 74  
DG  OP3   HOP3   sing N N 75  
DG  P     OP1    doub N N 76  
DG  P     OP2    sing N N 77  
DG  P     "O5'"  sing N N 78  
DG  OP2   HOP2   sing N N 79  
DG  "O5'" "C5'"  sing N N 80  
DG  "C5'" "C4'"  sing N N 81  
DG  "C5'" "H5'"  sing N N 82  
DG  "C5'" "H5''" sing N N 83  
DG  "C4'" "O4'"  sing N N 84  
DG  "C4'" "C3'"  sing N N 85  
DG  "C4'" "H4'"  sing N N 86  
DG  "O4'" "C1'"  sing N N 87  
DG  "C3'" "O3'"  sing N N 88  
DG  "C3'" "C2'"  sing N N 89  
DG  "C3'" "H3'"  sing N N 90  
DG  "O3'" "HO3'" sing N N 91  
DG  "C2'" "C1'"  sing N N 92  
DG  "C2'" "H2'"  sing N N 93  
DG  "C2'" "H2''" sing N N 94  
DG  "C1'" N9     sing N N 95  
DG  "C1'" "H1'"  sing N N 96  
DG  N9    C8     sing Y N 97  
DG  N9    C4     sing Y N 98  
DG  C8    N7     doub Y N 99  
DG  C8    H8     sing N N 100 
DG  N7    C5     sing Y N 101 
DG  C5    C6     sing N N 102 
DG  C5    C4     doub Y N 103 
DG  C6    O6     doub N N 104 
DG  C6    N1     sing N N 105 
DG  N1    C2     sing N N 106 
DG  N1    H1     sing N N 107 
DG  C2    N2     sing N N 108 
DG  C2    N3     doub N N 109 
DG  N2    H21    sing N N 110 
DG  N2    H22    sing N N 111 
DG  N3    C4     sing N N 112 
DT  OP3   P      sing N N 113 
DT  OP3   HOP3   sing N N 114 
DT  P     OP1    doub N N 115 
DT  P     OP2    sing N N 116 
DT  P     "O5'"  sing N N 117 
DT  OP2   HOP2   sing N N 118 
DT  "O5'" "C5'"  sing N N 119 
DT  "C5'" "C4'"  sing N N 120 
DT  "C5'" "H5'"  sing N N 121 
DT  "C5'" "H5''" sing N N 122 
DT  "C4'" "O4'"  sing N N 123 
DT  "C4'" "C3'"  sing N N 124 
DT  "C4'" "H4'"  sing N N 125 
DT  "O4'" "C1'"  sing N N 126 
DT  "C3'" "O3'"  sing N N 127 
DT  "C3'" "C2'"  sing N N 128 
DT  "C3'" "H3'"  sing N N 129 
DT  "O3'" "HO3'" sing N N 130 
DT  "C2'" "C1'"  sing N N 131 
DT  "C2'" "H2'"  sing N N 132 
DT  "C2'" "H2''" sing N N 133 
DT  "C1'" N1     sing N N 134 
DT  "C1'" "H1'"  sing N N 135 
DT  N1    C2     sing N N 136 
DT  N1    C6     sing N N 137 
DT  C2    O2     doub N N 138 
DT  C2    N3     sing N N 139 
DT  N3    C4     sing N N 140 
DT  N3    H3     sing N N 141 
DT  C4    O4     doub N N 142 
DT  C4    C5     sing N N 143 
DT  C5    C7     sing N N 144 
DT  C5    C6     doub N N 145 
DT  C7    H71    sing N N 146 
DT  C7    H72    sing N N 147 
DT  C7    H73    sing N N 148 
DT  C6    H6     sing N N 149 
HOH O     H1     sing N N 150 
HOH O     H2     sing N N 151 
# 
loop_
_ndb_struct_conf_na.entry_id 
_ndb_struct_conf_na.feature 
1D99 'double helix'         
1D99 'b-form double helix'  
1D99 'mismatched base pair' 
# 
loop_
_ndb_struct_na_base_pair.model_number 
_ndb_struct_na_base_pair.i_label_asym_id 
_ndb_struct_na_base_pair.i_label_comp_id 
_ndb_struct_na_base_pair.i_label_seq_id 
_ndb_struct_na_base_pair.i_symmetry 
_ndb_struct_na_base_pair.j_label_asym_id 
_ndb_struct_na_base_pair.j_label_comp_id 
_ndb_struct_na_base_pair.j_label_seq_id 
_ndb_struct_na_base_pair.j_symmetry 
_ndb_struct_na_base_pair.shear 
_ndb_struct_na_base_pair.stretch 
_ndb_struct_na_base_pair.stagger 
_ndb_struct_na_base_pair.buckle 
_ndb_struct_na_base_pair.propeller 
_ndb_struct_na_base_pair.opening 
_ndb_struct_na_base_pair.pair_number 
_ndb_struct_na_base_pair.pair_name 
_ndb_struct_na_base_pair.i_auth_asym_id 
_ndb_struct_na_base_pair.i_auth_seq_id 
_ndb_struct_na_base_pair.i_PDB_ins_code 
_ndb_struct_na_base_pair.j_auth_asym_id 
_ndb_struct_na_base_pair.j_auth_seq_id 
_ndb_struct_na_base_pair.j_PDB_ins_code 
_ndb_struct_na_base_pair.hbond_type_28 
_ndb_struct_na_base_pair.hbond_type_12 
1 A DC 1  1_555 B DG 12 1_555 -0.080 -0.201 0.594  3.501   -6.496  -4.139 1  A_DC1:DG24_B  A 1  ? B 24 ? 19 1 
1 A DG 2  1_555 B DC 11 1_555 -0.443 -0.323 0.489  -6.295  -10.887 -3.452 2  A_DG2:DC23_B  A 2  ? B 23 ? 19 1 
1 A DC 3  1_555 B DG 10 1_555 -0.397 -0.185 1.009  -18.831 -9.177  -0.983 3  A_DC3:DG22_B  A 3  ? B 22 ? 19 1 
1 A DA 4  1_555 B DC 9  1_555 -1.713 -0.448 0.216  11.060  -8.833  -2.057 4  A_DA4:DC21_B  A 4  ? B 21 ? ?  1 
1 A DA 5  1_555 B DT 8  1_555 -0.125 -0.268 0.010  11.153  -15.147 5.250  5  A_DA5:DT20_B  A 5  ? B 20 ? 20 1 
1 A DA 6  1_555 B DT 7  1_555 -0.695 -0.365 0.080  4.375   -16.505 5.624  6  A_DA6:DT19_B  A 6  ? B 19 ? 20 1 
1 A DT 7  1_555 B DA 6  1_555 -0.125 -0.217 0.269  -2.324  -13.176 4.757  7  A_DT7:DA18_B  A 7  ? B 18 ? 20 1 
1 A DT 8  1_555 B DA 5  1_555 0.517  -0.313 0.391  -7.346  -15.984 1.677  8  A_DT8:DA17_B  A 8  ? B 17 ? 20 1 
1 A DC 9  1_555 B DA 4  1_555 2.166  -0.271 0.271  -10.279 -12.267 9.046  9  A_DC9:DA16_B  A 9  ? B 16 ? ?  1 
1 A DG 10 1_555 B DC 3  1_555 0.468  -0.236 0.106  9.299   -1.398  -1.564 10 A_DG10:DC15_B A 10 ? B 15 ? 19 1 
1 A DC 11 1_555 B DG 2  1_555 0.651  -0.409 0.065  1.641   -25.192 -1.587 11 A_DC11:DG14_B A 11 ? B 14 ? 19 1 
1 A DG 12 1_555 B DC 1  1_555 -0.030 -0.282 -0.402 -1.185  3.870   -4.348 12 A_DG12:DC13_B A 12 ? B 13 ? 19 1 
# 
loop_
_ndb_struct_na_base_pair_step.model_number 
_ndb_struct_na_base_pair_step.i_label_asym_id_1 
_ndb_struct_na_base_pair_step.i_label_comp_id_1 
_ndb_struct_na_base_pair_step.i_label_seq_id_1 
_ndb_struct_na_base_pair_step.i_symmetry_1 
_ndb_struct_na_base_pair_step.j_label_asym_id_1 
_ndb_struct_na_base_pair_step.j_label_comp_id_1 
_ndb_struct_na_base_pair_step.j_label_seq_id_1 
_ndb_struct_na_base_pair_step.j_symmetry_1 
_ndb_struct_na_base_pair_step.i_label_asym_id_2 
_ndb_struct_na_base_pair_step.i_label_comp_id_2 
_ndb_struct_na_base_pair_step.i_label_seq_id_2 
_ndb_struct_na_base_pair_step.i_symmetry_2 
_ndb_struct_na_base_pair_step.j_label_asym_id_2 
_ndb_struct_na_base_pair_step.j_label_comp_id_2 
_ndb_struct_na_base_pair_step.j_label_seq_id_2 
_ndb_struct_na_base_pair_step.j_symmetry_2 
_ndb_struct_na_base_pair_step.shift 
_ndb_struct_na_base_pair_step.slide 
_ndb_struct_na_base_pair_step.rise 
_ndb_struct_na_base_pair_step.tilt 
_ndb_struct_na_base_pair_step.roll 
_ndb_struct_na_base_pair_step.twist 
_ndb_struct_na_base_pair_step.x_displacement 
_ndb_struct_na_base_pair_step.y_displacement 
_ndb_struct_na_base_pair_step.helical_rise 
_ndb_struct_na_base_pair_step.inclination 
_ndb_struct_na_base_pair_step.tip 
_ndb_struct_na_base_pair_step.helical_twist 
_ndb_struct_na_base_pair_step.step_number 
_ndb_struct_na_base_pair_step.step_name 
_ndb_struct_na_base_pair_step.i_auth_asym_id_1 
_ndb_struct_na_base_pair_step.i_auth_seq_id_1 
_ndb_struct_na_base_pair_step.i_PDB_ins_code_1 
_ndb_struct_na_base_pair_step.j_auth_asym_id_1 
_ndb_struct_na_base_pair_step.j_auth_seq_id_1 
_ndb_struct_na_base_pair_step.j_PDB_ins_code_1 
_ndb_struct_na_base_pair_step.i_auth_asym_id_2 
_ndb_struct_na_base_pair_step.i_auth_seq_id_2 
_ndb_struct_na_base_pair_step.i_PDB_ins_code_2 
_ndb_struct_na_base_pair_step.j_auth_asym_id_2 
_ndb_struct_na_base_pair_step.j_auth_seq_id_2 
_ndb_struct_na_base_pair_step.j_PDB_ins_code_2 
1 A DC 1  1_555 B DG 12 1_555 A DG 2  1_555 B DC 11 1_555 0.028  -0.194 3.812 -1.155 -4.130  34.892 0.400  -0.247 3.806 -6.855  
1.918   35.146 1  AA_DC1DG2:DC23DG24_BB   A 1  ? B 24 ? A 2  ? B 23 ? 
1 A DG 2  1_555 B DC 11 1_555 A DC 3  1_555 B DG 10 1_555 0.596  0.012  3.729 -0.025 -9.673  37.563 1.371  -0.903 3.617 -14.725 
0.038   38.745 2  AA_DG2DC3:DG22DC23_BB   A 2  ? B 23 ? A 3  ? B 22 ? 
1 A DC 3  1_555 B DG 10 1_555 A DA 4  1_555 B DC 9  1_555 0.079  0.236  2.543 6.887  2.978   26.589 -0.074 1.150  2.495 6.317   
-14.607 27.609 3  AA_DC3DA4:DC21DG22_BB   A 3  ? B 22 ? A 4  ? B 21 ? 
1 A DA 4  1_555 B DC 9  1_555 A DA 5  1_555 B DT 8  1_555 -0.285 0.454  3.288 0.399  5.828   38.952 -0.026 0.472  3.316 8.680   
-0.594  39.371 4  AA_DA4DA5:DT20DC21_BB   A 4  ? B 21 ? A 5  ? B 20 ? 
1 A DA 5  1_555 B DT 8  1_555 A DA 6  1_555 B DT 7  1_555 -0.033 -0.024 3.239 -3.250 3.584   36.247 -0.527 -0.392 3.213 5.729   
5.196   36.557 5  AA_DA5DA6:DT19DT20_BB   A 5  ? B 20 ? A 6  ? B 19 ? 
1 A DA 6  1_555 B DT 7  1_555 A DT 7  1_555 B DA 6  1_555 0.033  -0.587 3.591 -1.583 -4.678  34.200 -0.186 -0.327 3.632 -7.904  
2.675   34.544 6  AA_DA6DT7:DA18DT19_BB   A 6  ? B 19 ? A 7  ? B 18 ? 
1 A DT 7  1_555 B DA 6  1_555 A DT 8  1_555 B DA 5  1_555 -0.232 -0.138 3.283 2.061  -0.632  39.584 -0.129 0.583  3.269 -0.933  
-3.041  39.640 7  AA_DT7DT8:DA17DA18_BB   A 7  ? B 18 ? A 8  ? B 17 ? 
1 A DT 8  1_555 B DA 5  1_555 A DC 9  1_555 B DA 4  1_555 0.552  0.500  3.535 0.549  -8.690  46.212 1.394  -0.645 3.399 -10.957 
-0.692  46.981 8  AA_DT8DC9:DA16DA17_BB   A 8  ? B 17 ? A 9  ? B 16 ? 
1 A DC 9  1_555 B DA 4  1_555 A DG 10 1_555 B DC 3  1_555 0.050  0.550  2.904 1.792  9.736   24.661 -1.168 0.326  2.904 21.710  
-3.995  26.545 9  AA_DC9DG10:DC15DA16_BB  A 9  ? B 16 ? A 10 ? B 15 ? 
1 A DG 10 1_555 B DC 3  1_555 A DC 11 1_555 B DG 2  1_555 -0.965 0.806  3.543 -1.836 -12.156 41.255 2.376  1.125  3.230 -16.808 
2.538   42.971 10 AA_DG10DC11:DG14DC15_BB A 10 ? B 15 ? A 11 ? B 14 ? 
1 A DC 11 1_555 B DG 2  1_555 A DG 12 1_555 B DC 1  1_555 0.114  0.442  3.679 6.460  -1.025  32.148 0.982  1.050  3.617 -1.828  
-11.517 32.789 11 AA_DC11DG12:DC13DG14_BB A 11 ? B 14 ? A 12 ? B 13 ? 
# 
_atom_sites.entry_id                    1D99 
_atom_sites.fract_transf_matrix[1][1]   -0.02464208 
_atom_sites.fract_transf_matrix[1][2]   -0.01915028 
_atom_sites.fract_transf_matrix[1][3]   0.02407768 
_atom_sites.fract_transf_matrix[2][1]   -0.01802714 
_atom_sites.fract_transf_matrix[2][2]   0.00351931 
_atom_sites.fract_transf_matrix[2][3]   -0.01565062 
_atom_sites.fract_transf_matrix[3][1]   0.00346636 
_atom_sites.fract_transf_matrix[3][2]   -0.01321736 
_atom_sites.fract_transf_matrix[3][3]   -0.00696487 
_atom_sites.fract_transf_vector[1]      0.593006 
_atom_sites.fract_transf_vector[2]      0.525429 
_atom_sites.fract_transf_vector[3]      0.125979 
# 
loop_
_atom_type.symbol 
C 
N 
O 
P 
# 
loop_
_atom_site.group_PDB 
_atom_site.id 
_atom_site.type_symbol 
_atom_site.label_atom_id 
_atom_site.label_alt_id 
_atom_site.label_comp_id 
_atom_site.label_asym_id 
_atom_site.label_entity_id 
_atom_site.label_seq_id 
_atom_site.pdbx_PDB_ins_code 
_atom_site.Cartn_x 
_atom_site.Cartn_y 
_atom_site.Cartn_z 
_atom_site.occupancy 
_atom_site.B_iso_or_equiv 
_atom_site.pdbx_formal_charge 
_atom_site.auth_seq_id 
_atom_site.auth_comp_id 
_atom_site.auth_asym_id 
_atom_site.auth_atom_id 
_atom_site.pdbx_PDB_model_num 
ATOM   1   O "O5'" . DC  A 1 1  ? -10.164 -14.488 -13.361 1.00 10.00 ? 1   DC  A "O5'" 1 
ATOM   2   C "C5'" . DC  A 1 1  ? -8.976  -13.968 -12.721 1.00 10.00 ? 1   DC  A "C5'" 1 
ATOM   3   C "C4'" . DC  A 1 1  ? -9.039  -14.385 -11.260 1.00 10.00 ? 1   DC  A "C4'" 1 
ATOM   4   O "O4'" . DC  A 1 1  ? -7.762  -14.985 -10.949 1.00 10.00 ? 1   DC  A "O4'" 1 
ATOM   5   C "C3'" . DC  A 1 1  ? -9.263  -13.303 -10.235 1.00 10.00 ? 1   DC  A "C3'" 1 
ATOM   6   O "O3'" . DC  A 1 1  ? -10.219 -13.391 -9.180  1.00 10.00 ? 1   DC  A "O3'" 1 
ATOM   7   C "C2'" . DC  A 1 1  ? -7.870  -12.840 -9.902  1.00 10.00 ? 1   DC  A "C2'" 1 
ATOM   8   C "C1'" . DC  A 1 1  ? -7.013  -14.073 -10.138 1.00 10.00 ? 1   DC  A "C1'" 1 
ATOM   9   N N1    . DC  A 1 1  ? -5.652  -13.923 -10.650 1.00 10.00 ? 1   DC  A N1    1 
ATOM   10  C C2    . DC  A 1 1  ? -4.599  -14.524 -9.921  1.00 10.00 ? 1   DC  A C2    1 
ATOM   11  O O2    . DC  A 1 1  ? -4.841  -15.126 -8.869  1.00 10.00 ? 1   DC  A O2    1 
ATOM   12  N N3    . DC  A 1 1  ? -3.334  -14.421 -10.389 1.00 10.00 ? 1   DC  A N3    1 
ATOM   13  C C4    . DC  A 1 1  ? -3.085  -13.754 -11.517 1.00 10.00 ? 1   DC  A C4    1 
ATOM   14  N N4    . DC  A 1 1  ? -1.826  -13.670 -11.940 1.00 10.00 ? 1   DC  A N4    1 
ATOM   15  C C5    . DC  A 1 1  ? -4.135  -13.145 -12.261 1.00 10.00 ? 1   DC  A C5    1 
ATOM   16  C C6    . DC  A 1 1  ? -5.378  -13.266 -11.819 1.00 10.00 ? 1   DC  A C6    1 
ATOM   17  P P     . DG  A 1 2  ? -10.103 -13.471 -7.593  1.00 10.00 ? 2   DG  A P     1 
ATOM   18  O OP1   . DG  A 1 2  ? -11.173 -14.406 -7.127  1.00 10.00 ? 2   DG  A OP1   1 
ATOM   19  O OP2   . DG  A 1 2  ? -10.156 -12.118 -6.941  1.00 10.00 ? 2   DG  A OP2   1 
ATOM   20  O "O5'" . DG  A 1 2  ? -8.619  -13.985 -7.285  1.00 10.00 ? 2   DG  A "O5'" 1 
ATOM   21  C "C5'" . DG  A 1 2  ? -8.320  -15.282 -6.744  1.00 10.00 ? 2   DG  A "C5'" 1 
ATOM   22  C "C4'" . DG  A 1 2  ? -7.512  -15.059 -5.485  1.00 10.00 ? 2   DG  A "C4'" 1 
ATOM   23  O "O4'" . DG  A 1 2  ? -6.163  -14.757 -5.891  1.00 10.00 ? 2   DG  A "O4'" 1 
ATOM   24  C "C3'" . DG  A 1 2  ? -7.943  -13.961 -4.524  1.00 10.00 ? 2   DG  A "C3'" 1 
ATOM   25  O "O3'" . DG  A 1 2  ? -7.599  -14.177 -3.154  1.00 10.00 ? 2   DG  A "O3'" 1 
ATOM   26  C "C2'" . DG  A 1 2  ? -7.188  -12.777 -5.089  1.00 10.00 ? 2   DG  A "C2'" 1 
ATOM   27  C "C1'" . DG  A 1 2  ? -5.857  -13.427 -5.490  1.00 10.00 ? 2   DG  A "C1'" 1 
ATOM   28  N N9    . DG  A 1 2  ? -5.059  -12.716 -6.499  1.00 10.00 ? 2   DG  A N9    1 
ATOM   29  C C8    . DG  A 1 2  ? -5.457  -11.918 -7.567  1.00 10.00 ? 2   DG  A C8    1 
ATOM   30  N N7    . DG  A 1 2  ? -4.484  -11.431 -8.252  1.00 10.00 ? 2   DG  A N7    1 
ATOM   31  C C5    . DG  A 1 2  ? -3.339  -11.923 -7.638  1.00 10.00 ? 2   DG  A C5    1 
ATOM   32  C C6    . DG  A 1 2  ? -1.975  -11.718 -7.980  1.00 10.00 ? 2   DG  A C6    1 
ATOM   33  O O6    . DG  A 1 2  ? -1.523  -11.033 -8.897  1.00 10.00 ? 2   DG  A O6    1 
ATOM   34  N N1    . DG  A 1 2  ? -1.124  -12.426 -7.146  1.00 10.00 ? 2   DG  A N1    1 
ATOM   35  C C2    . DG  A 1 2  ? -1.545  -13.200 -6.087  1.00 10.00 ? 2   DG  A C2    1 
ATOM   36  N N2    . DG  A 1 2  ? -0.554  -13.776 -5.391  1.00 10.00 ? 2   DG  A N2    1 
ATOM   37  N N3    . DG  A 1 2  ? -2.822  -13.391 -5.744  1.00 10.00 ? 2   DG  A N3    1 
ATOM   38  C C4    . DG  A 1 2  ? -3.664  -12.733 -6.563  1.00 10.00 ? 2   DG  A C4    1 
ATOM   39  P P     . DC  A 1 3  ? -8.006  -13.169 -1.967  1.00 10.00 ? 3   DC  A P     1 
ATOM   40  O OP1   . DC  A 1 3  ? -8.968  -13.921 -1.105  1.00 10.00 ? 3   DC  A OP1   1 
ATOM   41  O OP2   . DC  A 1 3  ? -8.484  -11.863 -2.502  1.00 10.00 ? 3   DC  A OP2   1 
ATOM   42  O "O5'" . DC  A 1 3  ? -6.639  -12.943 -1.157  1.00 10.00 ? 3   DC  A "O5'" 1 
ATOM   43  C "C5'" . DC  A 1 3  ? -5.828  -14.063 -0.754  1.00 10.00 ? 3   DC  A "C5'" 1 
ATOM   44  C "C4'" . DC  A 1 3  ? -4.397  -13.678 -0.987  1.00 10.00 ? 3   DC  A "C4'" 1 
ATOM   45  O "O4'" . DC  A 1 3  ? -4.162  -13.274 -2.354  1.00 10.00 ? 3   DC  A "O4'" 1 
ATOM   46  C "C3'" . DC  A 1 3  ? -3.861  -12.542 -0.147  1.00 10.00 ? 3   DC  A "C3'" 1 
ATOM   47  O "O3'" . DC  A 1 3  ? -3.605  -12.912 1.200   1.00 10.00 ? 3   DC  A "O3'" 1 
ATOM   48  C "C2'" . DC  A 1 3  ? -2.664  -12.067 -0.927  1.00 10.00 ? 3   DC  A "C2'" 1 
ATOM   49  C "C1'" . DC  A 1 3  ? -3.014  -12.404 -2.356  1.00 10.00 ? 3   DC  A "C1'" 1 
ATOM   50  N N1    . DC  A 1 3  ? -3.009  -11.285 -3.287  1.00 10.00 ? 3   DC  A N1    1 
ATOM   51  C C2    . DC  A 1 3  ? -1.796  -10.764 -3.799  1.00 10.00 ? 3   DC  A C2    1 
ATOM   52  O O2    . DC  A 1 3  ? -0.754  -11.319 -3.419  1.00 10.00 ? 3   DC  A O2    1 
ATOM   53  N N3    . DC  A 1 3  ? -1.822  -9.737  -4.671  1.00 10.00 ? 3   DC  A N3    1 
ATOM   54  C C4    . DC  A 1 3  ? -2.988  -9.196  -5.014  1.00 10.00 ? 3   DC  A C4    1 
ATOM   55  N N4    . DC  A 1 3  ? -3.021  -8.157  -5.854  1.00 10.00 ? 3   DC  A N4    1 
ATOM   56  C C5    . DC  A 1 3  ? -4.241  -9.686  -4.492  1.00 10.00 ? 3   DC  A C5    1 
ATOM   57  C C6    . DC  A 1 3  ? -4.190  -10.695 -3.645  1.00 10.00 ? 3   DC  A C6    1 
ATOM   58  P P     . DA  A 1 4  ? -3.391  -11.827 2.348   1.00 10.00 ? 4   DA  A P     1 
ATOM   59  O OP1   . DA  A 1 4  ? -3.805  -12.443 3.657   1.00 10.00 ? 4   DA  A OP1   1 
ATOM   60  O OP2   . DA  A 1 4  ? -4.056  -10.531 2.013   1.00 10.00 ? 4   DA  A OP2   1 
ATOM   61  O "O5'" . DA  A 1 4  ? -1.828  -11.528 2.429   1.00 10.00 ? 4   DA  A "O5'" 1 
ATOM   62  C "C5'" . DA  A 1 4  ? -0.806  -12.499 2.209   1.00 10.00 ? 4   DA  A "C5'" 1 
ATOM   63  C "C4'" . DA  A 1 4  ? 0.437   -11.778 1.790   1.00 10.00 ? 4   DA  A "C4'" 1 
ATOM   64  O "O4'" . DA  A 1 4  ? 0.361   -11.208 0.485   1.00 10.00 ? 4   DA  A "O4'" 1 
ATOM   65  C "C3'" . DA  A 1 4  ? 1.018   -10.728 2.717   1.00 10.00 ? 4   DA  A "C3'" 1 
ATOM   66  O "O3'" . DA  A 1 4  ? 2.413   -11.016 2.937   1.00 10.00 ? 4   DA  A "O3'" 1 
ATOM   67  C "C2'" . DA  A 1 4  ? 0.789   -9.426  1.983   1.00 10.00 ? 4   DA  A "C2'" 1 
ATOM   68  C "C1'" . DA  A 1 4  ? 0.852   -9.872  0.533   1.00 10.00 ? 4   DA  A "C1'" 1 
ATOM   69  N N9    . DA  A 1 4  ? 0.064   -9.080  -0.413  1.00 10.00 ? 4   DA  A N9    1 
ATOM   70  C C8    . DA  A 1 4  ? -1.244  -8.674  -0.356  1.00 10.00 ? 4   DA  A C8    1 
ATOM   71  N N7    . DA  A 1 4  ? -1.639  -7.967  -1.378  1.00 10.00 ? 4   DA  A N7    1 
ATOM   72  C C5    . DA  A 1 4  ? -0.502  -7.903  -2.181  1.00 10.00 ? 4   DA  A C5    1 
ATOM   73  C C6    . DA  A 1 4  ? -0.250  -7.261  -3.418  1.00 10.00 ? 4   DA  A C6    1 
ATOM   74  N N6    . DA  A 1 4  ? -1.191  -6.560  -4.069  1.00 10.00 ? 4   DA  A N6    1 
ATOM   75  N N1    . DA  A 1 4  ? 0.979   -7.381  -3.943  1.00 10.00 ? 4   DA  A N1    1 
ATOM   76  C C2    . DA  A 1 4  ? 1.900   -8.074  -3.260  1.00 10.00 ? 4   DA  A C2    1 
ATOM   77  N N3    . DA  A 1 4  ? 1.788   -8.705  -2.091  1.00 10.00 ? 4   DA  A N3    1 
ATOM   78  C C4    . DA  A 1 4  ? 0.551   -8.590  -1.605  1.00 10.00 ? 4   DA  A C4    1 
ATOM   79  P P     . DA  A 1 5  ? 3.275   -10.347 4.106   1.00 10.00 ? 5   DA  A P     1 
ATOM   80  O OP1   . DA  A 1 5  ? 3.932   -11.422 4.937   1.00 10.00 ? 5   DA  A OP1   1 
ATOM   81  O OP2   . DA  A 1 5  ? 2.510   -9.315  4.882   1.00 10.00 ? 5   DA  A OP2   1 
ATOM   82  O "O5'" . DA  A 1 5  ? 4.409   -9.613  3.305   1.00 10.00 ? 5   DA  A "O5'" 1 
ATOM   83  C "C5'" . DA  A 1 5  ? 5.078   -9.876  2.072   1.00 10.00 ? 5   DA  A "C5'" 1 
ATOM   84  C "C4'" . DA  A 1 5  ? 5.580   -8.579  1.524   1.00 10.00 ? 5   DA  A "C4'" 1 
ATOM   85  O "O4'" . DA  A 1 5  ? 4.593   -8.036  0.648   1.00 10.00 ? 5   DA  A "O4'" 1 
ATOM   86  C "C3'" . DA  A 1 5  ? 6.065   -7.443  2.410   1.00 10.00 ? 5   DA  A "C3'" 1 
ATOM   87  O "O3'" . DA  A 1 5  ? 7.460   -7.382  2.357   1.00 10.00 ? 5   DA  A "O3'" 1 
ATOM   88  C "C2'" . DA  A 1 5  ? 5.028   -6.397  2.292   1.00 10.00 ? 5   DA  A "C2'" 1 
ATOM   89  C "C1'" . DA  A 1 5  ? 4.533   -6.619  0.858   1.00 10.00 ? 5   DA  A "C1'" 1 
ATOM   90  N N9    . DA  A 1 5  ? 3.117   -6.288  0.647   1.00 10.00 ? 5   DA  A N9    1 
ATOM   91  C C8    . DA  A 1 5  ? 2.008   -6.484  1.458   1.00 10.00 ? 5   DA  A C8    1 
ATOM   92  N N7    . DA  A 1 5  ? 0.905   -6.008  0.995   1.00 10.00 ? 5   DA  A N7    1 
ATOM   93  C C5    . DA  A 1 5  ? 1.271   -5.508  -0.260  1.00 10.00 ? 5   DA  A C5    1 
ATOM   94  C C6    . DA  A 1 5  ? 0.507   -4.892  -1.292  1.00 10.00 ? 5   DA  A C6    1 
ATOM   95  N N6    . DA  A 1 5  ? -0.799  -4.686  -1.198  1.00 10.00 ? 5   DA  A N6    1 
ATOM   96  N N1    . DA  A 1 5  ? 1.197   -4.543  -2.372  1.00 10.00 ? 5   DA  A N1    1 
ATOM   97  C C2    . DA  A 1 5  ? 2.516   -4.708  -2.478  1.00 10.00 ? 5   DA  A C2    1 
ATOM   98  N N3    . DA  A 1 5  ? 3.333   -5.301  -1.579  1.00 10.00 ? 5   DA  A N3    1 
ATOM   99  C C4    . DA  A 1 5  ? 2.645   -5.671  -0.486  1.00 10.00 ? 5   DA  A C4    1 
ATOM   100 P P     . DA  A 1 6  ? 8.245   -5.990  2.103   1.00 10.00 ? 6   DA  A P     1 
ATOM   101 O OP1   . DA  A 1 6  ? 9.630   -6.354  1.716   1.00 10.00 ? 6   DA  A OP1   1 
ATOM   102 O OP2   . DA  A 1 6  ? 8.003   -5.167  3.333   1.00 10.00 ? 6   DA  A OP2   1 
ATOM   103 O "O5'" . DA  A 1 6  ? 7.395   -5.340  0.904   1.00 10.00 ? 6   DA  A "O5'" 1 
ATOM   104 C "C5'" . DA  A 1 6  ? 7.719   -5.503  -0.478  1.00 10.00 ? 6   DA  A "C5'" 1 
ATOM   105 C "C4'" . DA  A 1 6  ? 7.925   -4.157  -1.090  1.00 10.00 ? 6   DA  A "C4'" 1 
ATOM   106 O "O4'" . DA  A 1 6  ? 6.639   -3.559  -1.360  1.00 10.00 ? 6   DA  A "O4'" 1 
ATOM   107 C "C3'" . DA  A 1 6  ? 8.721   -3.075  -0.365  1.00 10.00 ? 6   DA  A "C3'" 1 
ATOM   108 O "O3'" . DA  A 1 6  ? 9.508   -2.364  -1.278  1.00 10.00 ? 6   DA  A "O3'" 1 
ATOM   109 C "C2'" . DA  A 1 6  ? 7.645   -2.382  0.456   1.00 10.00 ? 6   DA  A "C2'" 1 
ATOM   110 C "C1'" . DA  A 1 6  ? 6.457   -2.424  -0.460  1.00 10.00 ? 6   DA  A "C1'" 1 
ATOM   111 N N9    . DA  A 1 6  ? 5.098   -2.523  0.100   1.00 10.00 ? 6   DA  A N9    1 
ATOM   112 C C8    . DA  A 1 6  ? 4.680   -3.158  1.256   1.00 10.00 ? 6   DA  A C8    1 
ATOM   113 N N7    . DA  A 1 6  ? 3.381   -3.116  1.464   1.00 10.00 ? 6   DA  A N7    1 
ATOM   114 C C5    . DA  A 1 6  ? 2.906   -2.444  0.354   1.00 10.00 ? 6   DA  A C5    1 
ATOM   115 C C6    . DA  A 1 6  ? 1.599   -2.037  -0.022  1.00 10.00 ? 6   DA  A C6    1 
ATOM   116 N N6    . DA  A 1 6  ? 0.485   -2.285  0.669   1.00 10.00 ? 6   DA  A N6    1 
ATOM   117 N N1    . DA  A 1 6  ? 1.493   -1.363  -1.181  1.00 10.00 ? 6   DA  A N1    1 
ATOM   118 C C2    . DA  A 1 6  ? 2.571   -1.085  -1.932  1.00 10.00 ? 6   DA  A C2    1 
ATOM   119 N N3    . DA  A 1 6  ? 3.839   -1.429  -1.681  1.00 10.00 ? 6   DA  A N3    1 
ATOM   120 C C4    . DA  A 1 6  ? 3.945   -2.089  -0.506  1.00 10.00 ? 6   DA  A C4    1 
ATOM   121 P P     . DT  A 1 7  ? 10.118  -0.900  -1.011  1.00 10.00 ? 7   DT  A P     1 
ATOM   122 O OP1   . DT  A 1 7  ? 11.077  -0.653  -2.138  1.00 10.00 ? 7   DT  A OP1   1 
ATOM   123 O OP2   . DT  A 1 7  ? 10.609  -0.761  0.389   1.00 10.00 ? 7   DT  A OP2   1 
ATOM   124 O "O5'" . DT  A 1 7  ? 8.796   0.010   -1.170  1.00 10.00 ? 7   DT  A "O5'" 1 
ATOM   125 C "C5'" . DT  A 1 7  ? 8.214   0.102   -2.497  1.00 10.00 ? 7   DT  A "C5'" 1 
ATOM   126 C "C4'" . DT  A 1 7  ? 7.253   1.237   -2.529  1.00 10.00 ? 7   DT  A "C4'" 1 
ATOM   127 O "O4'" . DT  A 1 7  ? 6.077   0.840   -1.831  1.00 10.00 ? 7   DT  A "O4'" 1 
ATOM   128 C "C3'" . DT  A 1 7  ? 7.659   2.615   -2.072  1.00 10.00 ? 7   DT  A "C3'" 1 
ATOM   129 O "O3'" . DT  A 1 7  ? 7.721   3.517   -3.180  1.00 10.00 ? 7   DT  A "O3'" 1 
ATOM   130 C "C2'" . DT  A 1 7  ? 6.657   2.973   -0.997  1.00 10.00 ? 7   DT  A "C2'" 1 
ATOM   131 C "C1'" . DT  A 1 7  ? 5.515   2.025   -1.230  1.00 10.00 ? 7   DT  A "C1'" 1 
ATOM   132 N N1    . DT  A 1 7  ? 4.699   1.598   -0.093  1.00 10.00 ? 7   DT  A N1    1 
ATOM   133 C C2    . DT  A 1 7  ? 3.335   1.828   -0.176  1.00 10.00 ? 7   DT  A C2    1 
ATOM   134 O O2    . DT  A 1 7  ? 2.696   2.353   -1.073  1.00 10.00 ? 7   DT  A O2    1 
ATOM   135 N N3    . DT  A 1 7  ? 2.651   1.375   0.919   1.00 10.00 ? 7   DT  A N3    1 
ATOM   136 C C4    . DT  A 1 7  ? 3.103   0.752   2.053   1.00 10.00 ? 7   DT  A C4    1 
ATOM   137 O O4    . DT  A 1 7  ? 2.288   0.450   2.923   1.00 10.00 ? 7   DT  A O4    1 
ATOM   138 C C5    . DT  A 1 7  ? 4.535   0.534   2.030   1.00 10.00 ? 7   DT  A C5    1 
ATOM   139 C C7    . DT  A 1 7  ? 5.198   -0.152  3.188   1.00 10.00 ? 7   DT  A C7    1 
ATOM   140 C C6    . DT  A 1 7  ? 5.246   0.941   0.995   1.00 10.00 ? 7   DT  A C6    1 
ATOM   141 P P     . DT  A 1 8  ? 7.969   5.089   -3.152  1.00 10.00 ? 8   DT  A P     1 
ATOM   142 O OP1   . DT  A 1 8  ? 8.515   5.518   -4.469  1.00 10.00 ? 8   DT  A OP1   1 
ATOM   143 O OP2   . DT  A 1 8  ? 8.741   5.457   -1.932  1.00 10.00 ? 8   DT  A OP2   1 
ATOM   144 O "O5'" . DT  A 1 8  ? 6.487   5.735   -2.978  1.00 10.00 ? 8   DT  A "O5'" 1 
ATOM   145 C "C5'" . DT  A 1 8  ? 5.495   5.554   -4.018  1.00 10.00 ? 8   DT  A "C5'" 1 
ATOM   146 C "C4'" . DT  A 1 8  ? 4.170   6.111   -3.593  1.00 10.00 ? 8   DT  A "C4'" 1 
ATOM   147 O "O4'" . DT  A 1 8  ? 3.580   5.395   -2.499  1.00 10.00 ? 8   DT  A "O4'" 1 
ATOM   148 C "C3'" . DT  A 1 8  ? 4.076   7.595   -3.299  1.00 10.00 ? 8   DT  A "C3'" 1 
ATOM   149 O "O3'" . DT  A 1 8  ? 3.059   8.252   -4.062  1.00 10.00 ? 8   DT  A "O3'" 1 
ATOM   150 C "C2'" . DT  A 1 8  ? 3.941   7.598   -1.793  1.00 10.00 ? 8   DT  A "C2'" 1 
ATOM   151 C "C1'" . DT  A 1 8  ? 3.156   6.320   -1.496  1.00 10.00 ? 8   DT  A "C1'" 1 
ATOM   152 N N1    . DT  A 1 8  ? 3.237   5.720   -0.159  1.00 10.00 ? 8   DT  A N1    1 
ATOM   153 C C2    . DT  A 1 8  ? 2.035   5.448   0.506   1.00 10.00 ? 8   DT  A C2    1 
ATOM   154 O O2    . DT  A 1 8  ? 0.909   5.654   0.086   1.00 10.00 ? 8   DT  A O2    1 
ATOM   155 N N3    . DT  A 1 8  ? 2.196   4.876   1.744   1.00 10.00 ? 8   DT  A N3    1 
ATOM   156 C C4    . DT  A 1 8  ? 3.363   4.532   2.387   1.00 10.00 ? 8   DT  A C4    1 
ATOM   157 O O4    . DT  A 1 8  ? 3.287   4.026   3.498   1.00 10.00 ? 8   DT  A O4    1 
ATOM   158 C C5    . DT  A 1 8  ? 4.551   4.831   1.623   1.00 10.00 ? 8   DT  A C5    1 
ATOM   159 C C7    . DT  A 1 8  ? 5.891   4.499   2.202   1.00 10.00 ? 8   DT  A C7    1 
ATOM   160 C C6    . DT  A 1 8  ? 4.447   5.380   0.428   1.00 10.00 ? 8   DT  A C6    1 
ATOM   161 P P     . DC  A 1 9  ? 2.883   9.803   -4.436  1.00 10.00 ? 9   DC  A P     1 
ATOM   162 O OP1   . DC  A 1 9  ? 3.001   9.931   -5.925  1.00 10.00 ? 9   DC  A OP1   1 
ATOM   163 O OP2   . DC  A 1 9  ? 3.804   10.648  -3.614  1.00 10.00 ? 9   DC  A OP2   1 
ATOM   164 O "O5'" . DC  A 1 9  ? 1.409   10.197  -3.992  1.00 10.00 ? 9   DC  A "O5'" 1 
ATOM   165 C "C5'" . DC  A 1 9  ? 0.287   9.332   -3.801  1.00 10.00 ? 9   DC  A "C5'" 1 
ATOM   166 C "C4'" . DC  A 1 9  ? -0.318  9.478   -2.440  1.00 10.00 ? 9   DC  A "C4'" 1 
ATOM   167 O "O4'" . DC  A 1 9  ? 0.314   8.638   -1.464  1.00 10.00 ? 9   DC  A "O4'" 1 
ATOM   168 C "C3'" . DC  A 1 9  ? -0.423  10.852  -1.798  1.00 10.00 ? 9   DC  A "C3'" 1 
ATOM   169 O "O3'" . DC  A 1 9  ? -1.458  11.601  -2.413  1.00 10.00 ? 9   DC  A "O3'" 1 
ATOM   170 C "C2'" . DC  A 1 9  ? -0.443  10.630  -0.323  1.00 10.00 ? 9   DC  A "C2'" 1 
ATOM   171 C "C1'" . DC  A 1 9  ? 0.098   9.239   -0.186  1.00 10.00 ? 9   DC  A "C1'" 1 
ATOM   172 N N1    . DC  A 1 9  ? 1.224   9.054   0.725   1.00 10.00 ? 9   DC  A N1    1 
ATOM   173 C C2    . DC  A 1 9  ? 0.942   8.467   1.971   1.00 10.00 ? 9   DC  A C2    1 
ATOM   174 O O2    . DC  A 1 9  ? -0.232  8.166   2.203   1.00 10.00 ? 9   DC  A O2    1 
ATOM   175 N N3    . DC  A 1 9  ? 1.957   8.269   2.840   1.00 10.00 ? 9   DC  A N3    1 
ATOM   176 C C4    . DC  A 1 9  ? 3.202   8.632   2.497   1.00 10.00 ? 9   DC  A C4    1 
ATOM   177 N N4    . DC  A 1 9  ? 4.188   8.429   3.373   1.00 10.00 ? 9   DC  A N4    1 
ATOM   178 C C5    . DC  A 1 9  ? 3.494   9.232   1.230   1.00 10.00 ? 9   DC  A C5    1 
ATOM   179 C C6    . DC  A 1 9  ? 2.485   9.432   0.392   1.00 10.00 ? 9   DC  A C6    1 
ATOM   180 P P     . DG  A 1 10 ? -1.531  13.197  -2.435  1.00 10.00 ? 10  DG  A P     1 
ATOM   181 O OP1   . DG  A 1 10 ? -2.184  13.553  -3.738  1.00 10.00 ? 10  DG  A OP1   1 
ATOM   182 O OP2   . DG  A 1 10 ? -0.191  13.800  -2.195  1.00 10.00 ? 10  DG  A OP2   1 
ATOM   183 O "O5'" . DG  A 1 10 ? -2.505  13.545  -1.211  1.00 10.00 ? 10  DG  A "O5'" 1 
ATOM   184 C "C5'" . DG  A 1 10 ? -3.707  12.780  -0.918  1.00 10.00 ? 10  DG  A "C5'" 1 
ATOM   185 C "C4'" . DG  A 1 10 ? -3.927  12.731  0.559   1.00 10.00 ? 10  DG  A "C4'" 1 
ATOM   186 O "O4'" . DG  A 1 10 ? -2.870  12.115  1.279   1.00 10.00 ? 10  DG  A "O4'" 1 
ATOM   187 C "C3'" . DG  A 1 10 ? -4.136  14.098  1.221   1.00 10.00 ? 10  DG  A "C3'" 1 
ATOM   188 O "O3'" . DG  A 1 10 ? -5.164  13.952  2.220   1.00 10.00 ? 10  DG  A "O3'" 1 
ATOM   189 C "C2'" . DG  A 1 10 ? -2.746  14.377  1.771   1.00 10.00 ? 10  DG  A "C2'" 1 
ATOM   190 C "C1'" . DG  A 1 10 ? -2.382  13.021  2.300   1.00 10.00 ? 10  DG  A "C1'" 1 
ATOM   191 N N9    . DG  A 1 10 ? -1.003  12.678  2.589   1.00 10.00 ? 10  DG  A N9    1 
ATOM   192 C C8    . DG  A 1 10 ? 0.155   12.974  1.885   1.00 10.00 ? 10  DG  A C8    1 
ATOM   193 N N7    . DG  A 1 10 ? 1.240   12.465  2.386   1.00 10.00 ? 10  DG  A N7    1 
ATOM   194 C C5    . DG  A 1 10 ? 0.776   11.762  3.504   1.00 10.00 ? 10  DG  A C5    1 
ATOM   195 C C6    . DG  A 1 10 ? 1.496   10.992  4.463   1.00 10.00 ? 10  DG  A C6    1 
ATOM   196 O O6    . DG  A 1 10 ? 2.718   10.797  4.507   1.00 10.00 ? 10  DG  A O6    1 
ATOM   197 N N1    . DG  A 1 10 ? 0.646   10.437  5.407   1.00 10.00 ? 10  DG  A N1    1 
ATOM   198 C C2    . DG  A 1 10 ? -0.718  10.599  5.456   1.00 10.00 ? 10  DG  A C2    1 
ATOM   199 N N2    . DG  A 1 10 ? -1.368  9.994   6.452   1.00 10.00 ? 10  DG  A N2    1 
ATOM   200 N N3    . DG  A 1 10 ? -1.383  11.318  4.580   1.00 10.00 ? 10  DG  A N3    1 
ATOM   201 C C4    . DG  A 1 10 ? -0.594  11.869  3.637   1.00 10.00 ? 10  DG  A C4    1 
ATOM   202 P P     . DC  A 1 11 ? -6.366  15.006  2.263   1.00 10.00 ? 11  DC  A P     1 
ATOM   203 O OP1   . DC  A 1 11 ? -6.950  15.103  0.900   1.00 10.00 ? 11  DC  A OP1   1 
ATOM   204 O OP2   . DC  A 1 11 ? -5.802  16.238  2.906   1.00 10.00 ? 11  DC  A OP2   1 
ATOM   205 O "O5'" . DC  A 1 11 ? -7.448  14.346  3.252   1.00 10.00 ? 11  DC  A "O5'" 1 
ATOM   206 C "C5'" . DC  A 1 11 ? -7.677  12.926  3.433   1.00 10.00 ? 11  DC  A "C5'" 1 
ATOM   207 C "C4'" . DC  A 1 11 ? -7.234  12.513  4.796   1.00 10.00 ? 11  DC  A "C4'" 1 
ATOM   208 O "O4'" . DC  A 1 11 ? -5.835  12.378  4.990   1.00 10.00 ? 11  DC  A "O4'" 1 
ATOM   209 C "C3'" . DC  A 1 11 ? -7.774  13.244  6.000   1.00 10.00 ? 11  DC  A "C3'" 1 
ATOM   210 O "O3'" . DC  A 1 11 ? -8.645  12.373  6.742   1.00 10.00 ? 11  DC  A "O3'" 1 
ATOM   211 C "C2'" . DC  A 1 11 ? -6.588  13.810  6.734   1.00 10.00 ? 11  DC  A "C2'" 1 
ATOM   212 C "C1'" . DC  A 1 11 ? -5.434  12.991  6.237   1.00 10.00 ? 11  DC  A "C1'" 1 
ATOM   213 N N1    . DC  A 1 11 ? -4.125  13.612  6.052   1.00 10.00 ? 11  DC  A N1    1 
ATOM   214 C C2    . DC  A 1 11 ? -3.040  13.087  6.786   1.00 10.00 ? 11  DC  A C2    1 
ATOM   215 O O2    . DC  A 1 11 ? -3.220  12.150  7.569   1.00 10.00 ? 11  DC  A O2    1 
ATOM   216 N N3    . DC  A 1 11 ? -1.822  13.634  6.599   1.00 10.00 ? 11  DC  A N3    1 
ATOM   217 C C4    . DC  A 1 11 ? -1.638  14.629  5.735   1.00 10.00 ? 11  DC  A C4    1 
ATOM   218 N N4    . DC  A 1 11 ? -0.407  15.134  5.619   1.00 10.00 ? 11  DC  A N4    1 
ATOM   219 C C5    . DC  A 1 11 ? -2.728  15.164  4.982   1.00 10.00 ? 11  DC  A C5    1 
ATOM   220 C C6    . DC  A 1 11 ? -3.928  14.638  5.167   1.00 10.00 ? 11  DC  A C6    1 
ATOM   221 P P     . DG  A 1 12 ? -9.543  12.972  7.931   1.00 10.00 ? 12  DG  A P     1 
ATOM   222 O OP1   . DG  A 1 12 ? -10.517 11.952  8.377   1.00 10.00 ? 12  DG  A OP1   1 
ATOM   223 O OP2   . DG  A 1 12 ? -10.097 14.297  7.524   1.00 10.00 ? 12  DG  A OP2   1 
ATOM   224 O "O5'" . DG  A 1 12 ? -8.396  13.213  9.022   1.00 10.00 ? 12  DG  A "O5'" 1 
ATOM   225 C "C5'" . DG  A 1 12 ? -8.048  12.249  10.032  1.00 10.00 ? 12  DG  A "C5'" 1 
ATOM   226 C "C4'" . DG  A 1 12 ? -7.412  12.969  11.181  1.00 10.00 ? 12  DG  A "C4'" 1 
ATOM   227 O "O4'" . DG  A 1 12 ? -6.056  13.317  10.848  1.00 10.00 ? 12  DG  A "O4'" 1 
ATOM   228 C "C3'" . DG  A 1 12 ? -8.079  14.195  11.765  1.00 10.00 ? 12  DG  A "C3'" 1 
ATOM   229 O "O3'" . DG  A 1 12 ? -9.069  13.907  12.752  1.00 10.00 ? 12  DG  A "O3'" 1 
ATOM   230 C "C2'" . DG  A 1 12 ? -6.991  15.203  12.017  1.00 10.00 ? 12  DG  A "C2'" 1 
ATOM   231 C "C1'" . DG  A 1 12 ? -5.743  14.577  11.485  1.00 10.00 ? 12  DG  A "C1'" 1 
ATOM   232 N N9    . DG  A 1 12 ? -4.926  15.325  10.516  1.00 10.00 ? 12  DG  A N9    1 
ATOM   233 C C8    . DG  A 1 12 ? -5.299  16.118  9.443   1.00 10.00 ? 12  DG  A C8    1 
ATOM   234 N N7    . DG  A 1 12 ? -4.291  16.600  8.786   1.00 10.00 ? 12  DG  A N7    1 
ATOM   235 C C5    . DG  A 1 12 ? -3.173  16.088  9.440   1.00 10.00 ? 12  DG  A C5    1 
ATOM   236 C C6    . DG  A 1 12 ? -1.791  16.269  9.179   1.00 10.00 ? 12  DG  A C6    1 
ATOM   237 O O6    . DG  A 1 12 ? -1.286  16.953  8.292   1.00 10.00 ? 12  DG  A O6    1 
ATOM   238 N N1    . DG  A 1 12 ? -0.998  15.571  10.079  1.00 10.00 ? 12  DG  A N1    1 
ATOM   239 C C2    . DG  A 1 12 ? -1.457  14.794  11.109  1.00 10.00 ? 12  DG  A C2    1 
ATOM   240 N N2    . DG  A 1 12 ? -0.533  14.204  11.873  1.00 10.00 ? 12  DG  A N2    1 
ATOM   241 N N3    . DG  A 1 12 ? -2.735  14.613  11.364  1.00 10.00 ? 12  DG  A N3    1 
ATOM   242 C C4    . DG  A 1 12 ? -3.540  15.281  10.500  1.00 10.00 ? 12  DG  A C4    1 
ATOM   243 O "O5'" . DC  B 1 1  ? 5.879   18.348  12.295  1.00 10.00 ? 13  DC  B "O5'" 1 
ATOM   244 C "C5'" . DC  B 1 1  ? 6.756   17.311  11.729  1.00 10.00 ? 13  DC  B "C5'" 1 
ATOM   245 C "C4'" . DC  B 1 1  ? 6.500   16.011  12.389  1.00 10.00 ? 13  DC  B "C4'" 1 
ATOM   246 O "O4'" . DC  B 1 1  ? 5.116   15.614  12.425  1.00 10.00 ? 13  DC  B "O4'" 1 
ATOM   247 C "C3'" . DC  B 1 1  ? 7.194   14.716  11.989  1.00 10.00 ? 13  DC  B "C3'" 1 
ATOM   248 O "O3'" . DC  B 1 1  ? 7.197   13.875  13.171  1.00 10.00 ? 13  DC  B "O3'" 1 
ATOM   249 C "C2'" . DC  B 1 1  ? 6.249   14.211  10.899  1.00 10.00 ? 13  DC  B "C2'" 1 
ATOM   250 C "C1'" . DC  B 1 1  ? 4.891   14.732  11.303  1.00 10.00 ? 13  DC  B "C1'" 1 
ATOM   251 N N1    . DC  B 1 1  ? 3.998   15.485  10.432  1.00 10.00 ? 13  DC  B N1    1 
ATOM   252 C C2    . DC  B 1 1  ? 2.609   15.371  10.676  1.00 10.00 ? 13  DC  B C2    1 
ATOM   253 O O2    . DC  B 1 1  ? 2.214   14.616  11.568  1.00 10.00 ? 13  DC  B O2    1 
ATOM   254 N N3    . DC  B 1 1  ? 1.752   16.078  9.912   1.00 10.00 ? 13  DC  B N3    1 
ATOM   255 C C4    . DC  B 1 1  ? 2.211   16.872  8.949   1.00 10.00 ? 13  DC  B C4    1 
ATOM   256 N N4    . DC  B 1 1  ? 1.380   17.585  8.188   1.00 10.00 ? 13  DC  B N4    1 
ATOM   257 C C5    . DC  B 1 1  ? 3.609   17.025  8.708   1.00 10.00 ? 13  DC  B C5    1 
ATOM   258 C C6    . DC  B 1 1  ? 4.439   16.352  9.466   1.00 10.00 ? 13  DC  B C6    1 
ATOM   259 P P     . DG  B 1 2  ? 7.455   12.305  13.235  1.00 10.00 ? 14  DG  B P     1 
ATOM   260 O OP1   . DG  B 1 2  ? 8.303   12.014  14.423  1.00 10.00 ? 14  DG  B OP1   1 
ATOM   261 O OP2   . DG  B 1 2  ? 7.900   11.813  11.878  1.00 10.00 ? 14  DG  B OP2   1 
ATOM   262 O "O5'" . DG  B 1 2  ? 6.004   11.693  13.402  1.00 10.00 ? 14  DG  B "O5'" 1 
ATOM   263 C "C5'" . DG  B 1 2  ? 5.218   11.623  14.592  1.00 10.00 ? 14  DG  B "C5'" 1 
ATOM   264 C "C4'" . DG  B 1 2  ? 3.900   10.968  14.218  1.00 10.00 ? 14  DG  B "C4'" 1 
ATOM   265 O "O4'" . DG  B 1 2  ? 3.288   11.703  13.121  1.00 10.00 ? 14  DG  B "O4'" 1 
ATOM   266 C "C3'" . DG  B 1 2  ? 4.035   9.549   13.763  1.00 10.00 ? 14  DG  B "C3'" 1 
ATOM   267 O "O3'" . DG  B 1 2  ? 3.022   8.627   14.160  1.00 10.00 ? 14  DG  B "O3'" 1 
ATOM   268 C "C2'" . DG  B 1 2  ? 4.043   9.662   12.246  1.00 10.00 ? 14  DG  B "C2'" 1 
ATOM   269 C "C1'" . DG  B 1 2  ? 3.009   10.764  12.080  1.00 10.00 ? 14  DG  B "C1'" 1 
ATOM   270 N N9    . DG  B 1 2  ? 2.938   11.407  10.767  1.00 10.00 ? 14  DG  B N9    1 
ATOM   271 C C8    . DG  B 1 2  ? 3.957   11.796  9.905   1.00 10.00 ? 14  DG  B C8    1 
ATOM   272 N N7    . DG  B 1 2  ? 3.539   12.325  8.806   1.00 10.00 ? 14  DG  B N7    1 
ATOM   273 C C5    . DG  B 1 2  ? 2.152   12.305  8.916   1.00 10.00 ? 14  DG  B C5    1 
ATOM   274 C C6    . DG  B 1 2  ? 1.155   12.761  8.013   1.00 10.00 ? 14  DG  B C6    1 
ATOM   275 O O6    . DG  B 1 2  ? 1.308   13.299  6.911   1.00 10.00 ? 14  DG  B O6    1 
ATOM   276 N N1    . DG  B 1 2  ? -0.120  12.555  8.516   1.00 10.00 ? 14  DG  B N1    1 
ATOM   277 C C2    . DG  B 1 2  ? -0.422  11.989  9.727   1.00 10.00 ? 14  DG  B C2    1 
ATOM   278 N N2    . DG  B 1 2  ? -1.731  11.885  10.004  1.00 10.00 ? 14  DG  B N2    1 
ATOM   279 N N3    . DG  B 1 2  ? 0.498   11.566  10.585  1.00 10.00 ? 14  DG  B N3    1 
ATOM   280 C C4    . DG  B 1 2  ? 1.758   11.755  10.123  1.00 10.00 ? 14  DG  B C4    1 
ATOM   281 P P     . DC  B 1 3  ? 3.484   7.104   14.238  1.00 10.00 ? 15  DC  B P     1 
ATOM   282 O OP1   . DC  B 1 3  ? 4.203   6.959   15.543  1.00 10.00 ? 15  DC  B OP1   1 
ATOM   283 O OP2   . DC  B 1 3  ? 4.311   6.742   13.038  1.00 10.00 ? 15  DC  B OP2   1 
ATOM   284 O "O5'" . DC  B 1 3  ? 2.172   6.208   14.237  1.00 10.00 ? 15  DC  B "O5'" 1 
ATOM   285 C "C5'" . DC  B 1 3  ? 0.858   6.699   14.603  1.00 10.00 ? 15  DC  B "C5'" 1 
ATOM   286 C "C4'" . DC  B 1 3  ? 0.244   7.039   13.265  1.00 10.00 ? 15  DC  B "C4'" 1 
ATOM   287 O "O4'" . DC  B 1 3  ? 1.136   7.741   12.377  1.00 10.00 ? 15  DC  B "O4'" 1 
ATOM   288 C "C3'" . DC  B 1 3  ? 0.028   5.784   12.407  1.00 10.00 ? 15  DC  B "C3'" 1 
ATOM   289 O "O3'" . DC  B 1 3  ? -0.897  4.948   13.060  1.00 10.00 ? 15  DC  B "O3'" 1 
ATOM   290 C "C2'" . DC  B 1 3  ? -0.292  6.365   11.048  1.00 10.00 ? 15  DC  B "C2'" 1 
ATOM   291 C "C1'" . DC  B 1 3  ? 0.514   7.614   11.058  1.00 10.00 ? 15  DC  B "C1'" 1 
ATOM   292 N N1    . DC  B 1 3  ? 1.202   8.045   9.851   1.00 10.00 ? 15  DC  B N1    1 
ATOM   293 C C2    . DC  B 1 3  ? 0.581   8.645   8.733   1.00 10.00 ? 15  DC  B C2    1 
ATOM   294 O O2    . DC  B 1 3  ? -0.649  8.778   8.730   1.00 10.00 ? 15  DC  B O2    1 
ATOM   295 N N3    . DC  B 1 3  ? 1.353   9.052   7.700   1.00 10.00 ? 15  DC  B N3    1 
ATOM   296 C C4    . DC  B 1 3  ? 2.675   8.907   7.729   1.00 10.00 ? 15  DC  B C4    1 
ATOM   297 N N4    . DC  B 1 3  ? 3.426   9.296   6.689   1.00 10.00 ? 15  DC  B N4    1 
ATOM   298 C C5    . DC  B 1 3  ? 3.331   8.303   8.855   1.00 10.00 ? 15  DC  B C5    1 
ATOM   299 C C6    . DC  B 1 3  ? 2.569   7.879   9.855   1.00 10.00 ? 15  DC  B C6    1 
ATOM   300 P P     . DA  B 1 4  ? -1.423  3.617   12.339  1.00 10.00 ? 16  DA  B P     1 
ATOM   301 O OP1   . DA  B 1 4  ? -2.209  2.850   13.346  1.00 10.00 ? 16  DA  B OP1   1 
ATOM   302 O OP2   . DA  B 1 4  ? -0.269  2.922   11.735  1.00 10.00 ? 16  DA  B OP2   1 
ATOM   303 O "O5'" . DA  B 1 4  ? -2.382  4.231   11.198  1.00 10.00 ? 16  DA  B "O5'" 1 
ATOM   304 C "C5'" . DA  B 1 4  ? -3.667  4.796   11.541  1.00 10.00 ? 16  DA  B "C5'" 1 
ATOM   305 C "C4'" . DA  B 1 4  ? -4.512  4.868   10.294  1.00 10.00 ? 16  DA  B "C4'" 1 
ATOM   306 O "O4'" . DA  B 1 4  ? -3.764  5.594   9.289   1.00 10.00 ? 16  DA  B "O4'" 1 
ATOM   307 C "C3'" . DA  B 1 4  ? -4.928  3.543   9.657   1.00 10.00 ? 16  DA  B "C3'" 1 
ATOM   308 O "O3'" . DA  B 1 4  ? -6.293  3.402   9.319   1.00 10.00 ? 16  DA  B "O3'" 1 
ATOM   309 C "C2'" . DA  B 1 4  ? -3.804  3.302   8.680   1.00 10.00 ? 16  DA  B "C2'" 1 
ATOM   310 C "C1'" . DA  B 1 4  ? -3.436  4.691   8.222   1.00 10.00 ? 16  DA  B "C1'" 1 
ATOM   311 N N9    . DA  B 1 4  ? -2.057  4.929   7.767   1.00 10.00 ? 16  DA  B N9    1 
ATOM   312 C C8    . DA  B 1 4  ? -0.844  4.533   8.274   1.00 10.00 ? 16  DA  B C8    1 
ATOM   313 N N7    . DA  B 1 4  ? 0.198   4.952   7.597   1.00 10.00 ? 16  DA  B N7    1 
ATOM   314 C C5    . DA  B 1 4  ? -0.360  5.711   6.582   1.00 10.00 ? 16  DA  B C5    1 
ATOM   315 C C6    . DA  B 1 4  ? 0.207   6.443   5.519   1.00 10.00 ? 16  DA  B C6    1 
ATOM   316 N N6    . DA  B 1 4  ? 1.513   6.549   5.278   1.00 10.00 ? 16  DA  B N6    1 
ATOM   317 N N1    . DA  B 1 4  ? -0.637  7.063   4.683   1.00 10.00 ? 16  DA  B N1    1 
ATOM   318 C C2    . DA  B 1 4  ? -1.963  6.971   4.885   1.00 10.00 ? 16  DA  B C2    1 
ATOM   319 N N3    . DA  B 1 4  ? -2.615  6.312   5.840   1.00 10.00 ? 16  DA  B N3    1 
ATOM   320 C C4    . DA  B 1 4  ? -1.741  5.696   6.669   1.00 10.00 ? 16  DA  B C4    1 
ATOM   321 P P     . DA  B 1 5  ? -6.921  2.878   7.919   1.00 10.00 ? 17  DA  B P     1 
ATOM   322 O OP1   . DA  B 1 5  ? -8.395  2.800   7.964   1.00 10.00 ? 17  DA  B OP1   1 
ATOM   323 O OP2   . DA  B 1 5  ? -6.279  1.547   7.647   1.00 10.00 ? 17  DA  B OP2   1 
ATOM   324 O "O5'" . DA  B 1 5  ? -6.361  3.934   6.853   1.00 10.00 ? 17  DA  B "O5'" 1 
ATOM   325 C "C5'" . DA  B 1 5  ? -6.969  5.174   6.452   1.00 10.00 ? 17  DA  B "C5'" 1 
ATOM   326 C "C4'" . DA  B 1 5  ? -7.017  5.228   4.947   1.00 10.00 ? 17  DA  B "C4'" 1 
ATOM   327 O "O4'" . DA  B 1 5  ? -5.665  5.230   4.438   1.00 10.00 ? 17  DA  B "O4'" 1 
ATOM   328 C "C3'" . DA  B 1 5  ? -7.717  4.082   4.232   1.00 10.00 ? 17  DA  B "C3'" 1 
ATOM   329 O "O3'" . DA  B 1 5  ? -8.730  4.446   3.339   1.00 10.00 ? 17  DA  B "O3'" 1 
ATOM   330 C "C2'" . DA  B 1 5  ? -6.592  3.140   3.924   1.00 10.00 ? 17  DA  B "C2'" 1 
ATOM   331 C "C1'" . DA  B 1 5  ? -5.390  4.019   3.715   1.00 10.00 ? 17  DA  B "C1'" 1 
ATOM   332 N N9    . DA  B 1 5  ? -4.039  3.548   4.033   1.00 10.00 ? 17  DA  B N9    1 
ATOM   333 C C8    . DA  B 1 5  ? -3.581  2.644   4.971   1.00 10.00 ? 17  DA  B C8    1 
ATOM   334 N N7    . DA  B 1 5  ? -2.283  2.445   4.990   1.00 10.00 ? 17  DA  B N7    1 
ATOM   335 C C5    . DA  B 1 5  ? -1.833  3.286   3.990   1.00 10.00 ? 17  DA  B C5    1 
ATOM   336 C C6    . DA  B 1 5  ? -0.537  3.581   3.516   1.00 10.00 ? 17  DA  B C6    1 
ATOM   337 N N6    . DA  B 1 5  ? 0.594   3.012   3.951   1.00 10.00 ? 17  DA  B N6    1 
ATOM   338 N N1    . DA  B 1 5  ? -0.446  4.431   2.478   1.00 10.00 ? 17  DA  B N1    1 
ATOM   339 C C2    . DA  B 1 5  ? -1.533  5.035   1.999   1.00 10.00 ? 17  DA  B C2    1 
ATOM   340 N N3    . DA  B 1 5  ? -2.803  4.871   2.409   1.00 10.00 ? 17  DA  B N3    1 
ATOM   341 C C4    . DA  B 1 5  ? -2.883  3.974   3.412   1.00 10.00 ? 17  DA  B C4    1 
ATOM   342 P P     . DA  B 1 6  ? -8.901  4.230   1.755   1.00 10.00 ? 18  DA  B P     1 
ATOM   343 O OP1   . DA  B 1 6  ? -9.631  5.316   1.096   1.00 10.00 ? 18  DA  B OP1   1 
ATOM   344 O OP2   . DA  B 1 6  ? -9.542  2.879   1.602   1.00 10.00 ? 18  DA  B OP2   1 
ATOM   345 O "O5'" . DA  B 1 6  ? -7.389  4.161   1.245   1.00 10.00 ? 18  DA  B "O5'" 1 
ATOM   346 C "C5'" . DA  B 1 6  ? -6.667  5.304   0.785   1.00 10.00 ? 18  DA  B "C5'" 1 
ATOM   347 C "C4'" . DA  B 1 6  ? -6.183  5.154   -0.643  1.00 10.00 ? 18  DA  B "C4'" 1 
ATOM   348 O "O4'" . DA  B 1 6  ? -4.791  4.806   -0.409  1.00 10.00 ? 18  DA  B "O4'" 1 
ATOM   349 C "C3'" . DA  B 1 6  ? -6.746  4.129   -1.605  1.00 10.00 ? 18  DA  B "C3'" 1 
ATOM   350 O "O3'" . DA  B 1 6  ? -7.080  4.599   -2.879  1.00 10.00 ? 18  DA  B "O3'" 1 
ATOM   351 C "C2'" . DA  B 1 6  ? -5.866  2.926   -1.438  1.00 10.00 ? 18  DA  B "C2'" 1 
ATOM   352 C "C1'" . DA  B 1 6  ? -4.586  3.465   -0.836  1.00 10.00 ? 18  DA  B "C1'" 1 
ATOM   353 N N9    . DA  B 1 6  ? -3.915  2.614   0.166   1.00 10.00 ? 18  DA  B N9    1 
ATOM   354 C C8    . DA  B 1 6  ? -4.432  1.830   1.181   1.00 10.00 ? 18  DA  B C8    1 
ATOM   355 N N7    . DA  B 1 6  ? -3.542  1.172   1.867   1.00 10.00 ? 18  DA  B N7    1 
ATOM   356 C C5    . DA  B 1 6  ? -2.336  1.542   1.277   1.00 10.00 ? 18  DA  B C5    1 
ATOM   357 C C6    . DA  B 1 6  ? -1.014  1.143   1.530   1.00 10.00 ? 18  DA  B C6    1 
ATOM   358 N N6    . DA  B 1 6  ? -0.655  0.327   2.510   1.00 10.00 ? 18  DA  B N6    1 
ATOM   359 N N1    . DA  B 1 6  ? -0.071  1.716   0.769   1.00 10.00 ? 18  DA  B N1    1 
ATOM   360 C C2    . DA  B 1 6  ? -0.358  2.581   -0.225  1.00 10.00 ? 18  DA  B C2    1 
ATOM   361 N N3    . DA  B 1 6  ? -1.600  2.989   -0.569  1.00 10.00 ? 18  DA  B N3    1 
ATOM   362 C C4    . DA  B 1 6  ? -2.540  2.431   0.222   1.00 10.00 ? 18  DA  B C4    1 
ATOM   363 P P     . DT  B 1 7  ? -6.832  4.007   -4.345  1.00 10.00 ? 19  DT  B P     1 
ATOM   364 O OP1   . DT  B 1 7  ? -7.126  5.024   -5.387  1.00 10.00 ? 19  DT  B OP1   1 
ATOM   365 O OP2   . DT  B 1 7  ? -7.555  2.686   -4.467  1.00 10.00 ? 19  DT  B OP2   1 
ATOM   366 O "O5'" . DT  B 1 7  ? -5.267  3.703   -4.311  1.00 10.00 ? 19  DT  B "O5'" 1 
ATOM   367 C "C5'" . DT  B 1 7  ? -4.237  4.592   -4.767  1.00 10.00 ? 19  DT  B "C5'" 1 
ATOM   368 C "C4'" . DT  B 1 7  ? -2.919  3.811   -4.940  1.00 10.00 ? 19  DT  B "C4'" 1 
ATOM   369 O "O4'" . DT  B 1 7  ? -2.642  3.069   -3.739  1.00 10.00 ? 19  DT  B "O4'" 1 
ATOM   370 C "C3'" . DT  B 1 7  ? -3.077  2.743   -6.021  1.00 10.00 ? 19  DT  B "C3'" 1 
ATOM   371 O "O3'" . DT  B 1 7  ? -2.793  3.292   -7.280  1.00 10.00 ? 19  DT  B "O3'" 1 
ATOM   372 C "C2'" . DT  B 1 7  ? -2.367  1.531   -5.521  1.00 10.00 ? 19  DT  B "C2'" 1 
ATOM   373 C "C1'" . DT  B 1 7  ? -1.943  1.866   -4.139  1.00 10.00 ? 19  DT  B "C1'" 1 
ATOM   374 N N1    . DT  B 1 7  ? -2.059  0.824   -3.122  1.00 10.00 ? 19  DT  B N1    1 
ATOM   375 C C2    . DT  B 1 7  ? -0.896  0.284   -2.581  1.00 10.00 ? 19  DT  B C2    1 
ATOM   376 O O2    . DT  B 1 7  ? 0.220   0.627   -2.922  1.00 10.00 ? 19  DT  B O2    1 
ATOM   377 N N3    . DT  B 1 7  ? -1.127  -0.672  -1.629  1.00 10.00 ? 19  DT  B N3    1 
ATOM   378 C C4    . DT  B 1 7  ? -2.320  -1.154  -1.150  1.00 10.00 ? 19  DT  B C4    1 
ATOM   379 O O4    . DT  B 1 7  ? -2.355  -2.024  -0.278  1.00 10.00 ? 19  DT  B O4    1 
ATOM   380 C C5    . DT  B 1 7  ? -3.474  -0.548  -1.768  1.00 10.00 ? 19  DT  B C5    1 
ATOM   381 C C7    . DT  B 1 7  ? -4.866  -0.947  -1.373  1.00 10.00 ? 19  DT  B C7    1 
ATOM   382 C C6    . DT  B 1 7  ? -3.308  0.391   -2.693  1.00 10.00 ? 19  DT  B C6    1 
ATOM   383 P P     . DT  B 1 8  ? -2.306  2.556   -8.600  1.00 10.00 ? 20  DT  B P     1 
ATOM   384 O OP1   . DT  B 1 8  ? -1.893  3.603   -9.576  1.00 10.00 ? 20  DT  B OP1   1 
ATOM   385 O OP2   . DT  B 1 8  ? -3.379  1.621   -9.025  1.00 10.00 ? 20  DT  B OP2   1 
ATOM   386 O "O5'" . DT  B 1 8  ? -1.008  1.714   -8.150  1.00 10.00 ? 20  DT  B "O5'" 1 
ATOM   387 C "C5'" . DT  B 1 8  ? 0.074   2.381   -7.470  1.00 10.00 ? 20  DT  B "C5'" 1 
ATOM   388 C "C4'" . DT  B 1 8  ? 1.313   1.565   -7.388  1.00 10.00 ? 20  DT  B "C4'" 1 
ATOM   389 O "O4'" . DT  B 1 8  ? 1.370   0.715   -6.232  1.00 10.00 ? 20  DT  B "O4'" 1 
ATOM   390 C "C3'" . DT  B 1 8  ? 1.828   0.784   -8.578  1.00 10.00 ? 20  DT  B "C3'" 1 
ATOM   391 O "O3'" . DT  B 1 8  ? 3.205   1.055   -8.864  1.00 10.00 ? 20  DT  B "O3'" 1 
ATOM   392 C "C2'" . DT  B 1 8  ? 1.484   -0.639  -8.202  1.00 10.00 ? 20  DT  B "C2'" 1 
ATOM   393 C "C1'" . DT  B 1 8  ? 1.501   -0.653  -6.704  1.00 10.00 ? 20  DT  B "C1'" 1 
ATOM   394 N N1    . DT  B 1 8  ? 0.533   -1.429  -5.929  1.00 10.00 ? 20  DT  B N1    1 
ATOM   395 C C2    . DT  B 1 8  ? 1.038   -2.238  -4.917  1.00 10.00 ? 20  DT  B C2    1 
ATOM   396 O O2    . DT  B 1 8  ? 2.209   -2.419  -4.652  1.00 10.00 ? 20  DT  B O2    1 
ATOM   397 N N3    . DT  B 1 8  ? 0.059   -2.869  -4.206  1.00 10.00 ? 20  DT  B N3    1 
ATOM   398 C C4    . DT  B 1 8  ? -1.311  -2.819  -4.336  1.00 10.00 ? 20  DT  B C4    1 
ATOM   399 O O4    . DT  B 1 8  ? -2.033  -3.478  -3.588  1.00 10.00 ? 20  DT  B O4    1 
ATOM   400 C C5    . DT  B 1 8  ? -1.742  -1.934  -5.397  1.00 10.00 ? 20  DT  B C5    1 
ATOM   401 C C7    . DT  B 1 8  ? -3.215  -1.771  -5.651  1.00 10.00 ? 20  DT  B C7    1 
ATOM   402 C C6    . DT  B 1 8  ? -0.829  -1.285  -6.117  1.00 10.00 ? 20  DT  B C6    1 
ATOM   403 P P     . DC  B 1 9  ? 4.117   0.270   -9.938  1.00 10.00 ? 21  DC  B P     1 
ATOM   404 O OP1   . DC  B 1 9  ? 5.479   0.862   -9.981  1.00 10.00 ? 21  DC  B OP1   1 
ATOM   405 O OP2   . DC  B 1 9  ? 3.350   0.232   -11.223 1.00 10.00 ? 21  DC  B OP2   1 
ATOM   406 O "O5'" . DC  B 1 9  ? 4.202   -1.220  -9.366  1.00 10.00 ? 21  DC  B "O5'" 1 
ATOM   407 C "C5'" . DC  B 1 9  ? 5.146   -1.594  -8.329  1.00 10.00 ? 21  DC  B "C5'" 1 
ATOM   408 C "C4'" . DC  B 1 9  ? 4.925   -3.060  -8.026  1.00 10.00 ? 21  DC  B "C4'" 1 
ATOM   409 O "O4'" . DC  B 1 9  ? 3.575   -3.219  -7.549  1.00 10.00 ? 21  DC  B "O4'" 1 
ATOM   410 C "C3'" . DC  B 1 9  ? 5.070   -4.016  -9.182  1.00 10.00 ? 21  DC  B "C3'" 1 
ATOM   411 O "O3'" . DC  B 1 9  ? 6.228   -4.791  -9.219  1.00 10.00 ? 21  DC  B "O3'" 1 
ATOM   412 C "C2'" . DC  B 1 9  ? 3.724   -4.607  -9.464  1.00 10.00 ? 21  DC  B "C2'" 1 
ATOM   413 C "C1'" . DC  B 1 9  ? 3.102   -4.470  -8.109  1.00 10.00 ? 21  DC  B "C1'" 1 
ATOM   414 N N1    . DC  B 1 9  ? 1.697   -4.632  -7.812  1.00 10.00 ? 21  DC  B N1    1 
ATOM   415 C C2    . DC  B 1 9  ? 1.363   -5.420  -6.683  1.00 10.00 ? 21  DC  B C2    1 
ATOM   416 O O2    . DC  B 1 9  ? 2.269   -5.980  -6.031  1.00 10.00 ? 21  DC  B O2    1 
ATOM   417 N N3    . DC  B 1 9  ? 0.056   -5.552  -6.365  1.00 10.00 ? 21  DC  B N3    1 
ATOM   418 C C4    . DC  B 1 9  ? -0.887  -4.945  -7.084  1.00 10.00 ? 21  DC  B C4    1 
ATOM   419 N N4    . DC  B 1 9  ? -2.160  -5.123  -6.718  1.00 10.00 ? 21  DC  B N4    1 
ATOM   420 C C5    . DC  B 1 9  ? -0.559  -4.138  -8.207  1.00 10.00 ? 21  DC  B C5    1 
ATOM   421 C C6    . DC  B 1 9  ? 0.726   -3.993  -8.517  1.00 10.00 ? 21  DC  B C6    1 
ATOM   422 P P     . DG  B 1 10 ? 7.056   -5.062  -10.573 1.00 10.00 ? 22  DG  B P     1 
ATOM   423 O OP1   . DG  B 1 10 ? 8.318   -4.277  -10.560 1.00 10.00 ? 22  DG  B OP1   1 
ATOM   424 O OP2   . DG  B 1 10 ? 6.196   -4.894  -11.780 1.00 10.00 ? 22  DG  B OP2   1 
ATOM   425 O "O5'" . DG  B 1 10 ? 7.383   -6.636  -10.410 1.00 10.00 ? 22  DG  B "O5'" 1 
ATOM   426 C "C5'" . DG  B 1 10 ? 7.791   -7.295  -9.201  1.00 10.00 ? 22  DG  B "C5'" 1 
ATOM   427 C "C4'" . DG  B 1 10 ? 6.980   -8.461  -8.815  1.00 10.00 ? 22  DG  B "C4'" 1 
ATOM   428 O "O4'" . DG  B 1 10 ? 5.658   -8.194  -8.326  1.00 10.00 ? 22  DG  B "O4'" 1 
ATOM   429 C "C3'" . DG  B 1 10 ? 6.913   -9.729  -9.643  1.00 10.00 ? 22  DG  B "C3'" 1 
ATOM   430 O "O3'" . DG  B 1 10 ? 7.193   -10.878 -8.787  1.00 10.00 ? 22  DG  B "O3'" 1 
ATOM   431 C "C2'" . DG  B 1 10 ? 5.454   -9.732  -10.091 1.00 10.00 ? 22  DG  B "C2'" 1 
ATOM   432 C "C1'" . DG  B 1 10 ? 4.772   -9.212  -8.818  1.00 10.00 ? 22  DG  B "C1'" 1 
ATOM   433 N N9    . DG  B 1 10 ? 3.387   -8.772  -8.906  1.00 10.00 ? 22  DG  B N9    1 
ATOM   434 C C8    . DG  B 1 10 ? 2.793   -8.002  -9.902  1.00 10.00 ? 22  DG  B C8    1 
ATOM   435 N N7    . DG  B 1 10 ? 1.540   -7.794  -9.728  1.00 10.00 ? 22  DG  B N7    1 
ATOM   436 C C5    . DG  B 1 10 ? 1.253   -8.449  -8.528  1.00 10.00 ? 22  DG  B C5    1 
ATOM   437 C C6    . DG  B 1 10 ? 0.017   -8.537  -7.828  1.00 10.00 ? 22  DG  B C6    1 
ATOM   438 O O6    . DG  B 1 10 ? -1.061  -8.057  -8.184  1.00 10.00 ? 22  DG  B O6    1 
ATOM   439 N N1    . DG  B 1 10 ? 0.142   -9.264  -6.659  1.00 10.00 ? 22  DG  B N1    1 
ATOM   440 C C2    . DG  B 1 10 ? 1.309   -9.838  -6.210  1.00 10.00 ? 22  DG  B C2    1 
ATOM   441 N N2    . DG  B 1 10 ? 1.196   -10.515 -5.067  1.00 10.00 ? 22  DG  B N2    1 
ATOM   442 N N3    . DG  B 1 10 ? 2.478   -9.752  -6.853  1.00 10.00 ? 22  DG  B N3    1 
ATOM   443 C C4    . DG  B 1 10 ? 2.376   -9.052  -8.003  1.00 10.00 ? 22  DG  B C4    1 
ATOM   444 P P     . DC  B 1 11 ? 7.873   -12.186 -9.397  1.00 10.00 ? 23  DC  B P     1 
ATOM   445 O OP1   . DC  B 1 11 ? 9.350   -11.994 -9.356  1.00 10.00 ? 23  DC  B OP1   1 
ATOM   446 O OP2   . DC  B 1 11 ? 7.212   -12.485 -10.697 1.00 10.00 ? 23  DC  B OP2   1 
ATOM   447 O "O5'" . DC  B 1 11 ? 7.495   -13.349 -8.341  1.00 10.00 ? 23  DC  B "O5'" 1 
ATOM   448 C "C5'" . DC  B 1 11 ? 7.935   -13.220 -6.959  1.00 10.00 ? 23  DC  B "C5'" 1 
ATOM   449 C "C4'" . DC  B 1 11 ? 6.800   -13.686 -6.065  1.00 10.00 ? 23  DC  B "C4'" 1 
ATOM   450 O "O4'" . DC  B 1 11 ? 5.648   -12.852 -6.415  1.00 10.00 ? 23  DC  B "O4'" 1 
ATOM   451 C "C3'" . DC  B 1 11 ? 6.319   -15.109 -6.232  1.00 10.00 ? 23  DC  B "C3'" 1 
ATOM   452 O "O3'" . DC  B 1 11 ? 7.215   -16.166 -6.077  1.00 10.00 ? 23  DC  B "O3'" 1 
ATOM   453 C "C2'" . DC  B 1 11 ? 5.269   -15.010 -7.301  1.00 10.00 ? 23  DC  B "C2'" 1 
ATOM   454 C "C1'" . DC  B 1 11 ? 4.639   -13.704 -6.907  1.00 10.00 ? 23  DC  B "C1'" 1 
ATOM   455 N N1    . DC  B 1 11 ? 3.712   -13.093 -7.824  1.00 10.00 ? 23  DC  B N1    1 
ATOM   456 C C2    . DC  B 1 11 ? 2.359   -13.087 -7.459  1.00 10.00 ? 23  DC  B C2    1 
ATOM   457 O O2    . DC  B 1 11 ? 2.045   -13.590 -6.374  1.00 10.00 ? 23  DC  B O2    1 
ATOM   458 N N3    . DC  B 1 11 ? 1.459   -12.524 -8.302  1.00 10.00 ? 23  DC  B N3    1 
ATOM   459 C C4    . DC  B 1 11 ? 1.843   -12.017 -9.461  1.00 10.00 ? 23  DC  B C4    1 
ATOM   460 N N4    . DC  B 1 11 ? 0.925   -11.500 -10.281 1.00 10.00 ? 23  DC  B N4    1 
ATOM   461 C C5    . DC  B 1 11 ? 3.222   -12.052 -9.856  1.00 10.00 ? 23  DC  B C5    1 
ATOM   462 C C6    . DC  B 1 11 ? 4.113   -12.570 -9.018  1.00 10.00 ? 23  DC  B C6    1 
ATOM   463 P P     . DG  B 1 12 ? 7.184   -17.578 -6.916  1.00 10.00 ? 24  DG  B P     1 
ATOM   464 O OP1   . DG  B 1 12 ? 8.353   -18.385 -6.469  1.00 10.00 ? 24  DG  B OP1   1 
ATOM   465 O OP2   . DG  B 1 12 ? 7.097   -17.468 -8.388  1.00 10.00 ? 24  DG  B OP2   1 
ATOM   466 O "O5'" . DG  B 1 12 ? 5.830   -18.213 -6.355  1.00 10.00 ? 24  DG  B "O5'" 1 
ATOM   467 C "C5'" . DG  B 1 12 ? 5.512   -18.368 -4.956  1.00 10.00 ? 24  DG  B "C5'" 1 
ATOM   468 C "C4'" . DG  B 1 12 ? 4.040   -18.702 -4.826  1.00 10.00 ? 24  DG  B "C4'" 1 
ATOM   469 O "O4'" . DG  B 1 12 ? 3.307   -17.528 -5.237  1.00 10.00 ? 24  DG  B "O4'" 1 
ATOM   470 C "C3'" . DG  B 1 12 ? 3.482   -19.830 -5.676  1.00 10.00 ? 24  DG  B "C3'" 1 
ATOM   471 O "O3'" . DG  B 1 12 ? 3.676   -21.158 -5.200  1.00 10.00 ? 24  DG  B "O3'" 1 
ATOM   472 C "C2'" . DG  B 1 12 ? 2.060   -19.422 -5.926  1.00 10.00 ? 24  DG  B "C2'" 1 
ATOM   473 C "C1'" . DG  B 1 12 ? 2.112   -17.914 -5.903  1.00 10.00 ? 24  DG  B "C1'" 1 
ATOM   474 N N9    . DG  B 1 12 ? 1.975   -17.314 -7.240  1.00 10.00 ? 24  DG  B N9    1 
ATOM   475 C C8    . DG  B 1 12 ? 2.945   -17.043 -8.175  1.00 10.00 ? 24  DG  B C8    1 
ATOM   476 N N7    . DG  B 1 12 ? 2.491   -16.474 -9.249  1.00 10.00 ? 24  DG  B N7    1 
ATOM   477 C C5    . DG  B 1 12 ? 1.115   -16.388 -9.036  1.00 10.00 ? 24  DG  B C5    1 
ATOM   478 C C6    . DG  B 1 12 ? 0.085   -15.878 -9.870  1.00 10.00 ? 24  DG  B C6    1 
ATOM   479 O O6    . DG  B 1 12 ? 0.184   -15.383 -11.004 1.00 10.00 ? 24  DG  B O6    1 
ATOM   480 N N1    . DG  B 1 12 ? -1.170  -15.983 -9.279  1.00 10.00 ? 24  DG  B N1    1 
ATOM   481 C C2    . DG  B 1 12 ? -1.415  -16.495 -8.026  1.00 10.00 ? 24  DG  B C2    1 
ATOM   482 N N2    . DG  B 1 12 ? -2.705  -16.484 -7.655  1.00 10.00 ? 24  DG  B N2    1 
ATOM   483 N N3    . DG  B 1 12 ? -0.462  -16.977 -7.239  1.00 10.00 ? 24  DG  B N3    1 
ATOM   484 C C4    . DG  B 1 12 ? 0.770   -16.901 -7.804  1.00 10.00 ? 24  DG  B C4    1 
HETATM 485 O O     . HOH C 2 .  ? 1.972   12.556  -0.940  1.00 10.00 ? 26  HOH A O     1 
HETATM 486 O O     . HOH C 2 .  ? -11.195 9.286   7.471   1.00 10.00 ? 33  HOH A O     1 
HETATM 487 O O     . HOH C 2 .  ? 3.665   2.118   -3.661  1.00 10.00 ? 34  HOH A O     1 
HETATM 488 O O     . HOH C 2 .  ? -3.688  10.476  3.335   1.00 10.00 ? 35  HOH A O     1 
HETATM 489 O O     . HOH C 2 .  ? 0.948   13.081  -6.020  1.00 10.00 ? 39  HOH A O     1 
HETATM 490 O O     . HOH C 2 .  ? -12.387 -13.562 -4.350  1.00 10.00 ? 40  HOH A O     1 
HETATM 491 O O     . HOH C 2 .  ? 3.506   13.562  4.635   1.00 10.00 ? 42  HOH A O     1 
HETATM 492 O O     . HOH C 2 .  ? -2.112  15.220  -6.736  1.00 10.00 ? 45  HOH A O     1 
HETATM 493 O O     . HOH C 2 .  ? 5.308   11.522  4.951   1.00 10.00 ? 48  HOH A O     1 
HETATM 494 O O     . HOH C 2 .  ? 6.915   -10.859 4.433   1.00 10.00 ? 50  HOH A O     1 
HETATM 495 O O     . HOH C 2 .  ? 7.632   -7.414  5.115   1.00 10.00 ? 53  HOH A O     1 
HETATM 496 O O     . HOH C 2 .  ? 5.558   -4.166  4.152   1.00 10.00 ? 54  HOH A O     1 
HETATM 497 O O     . HOH C 2 .  ? -9.726  -17.338 -11.682 1.00 10.00 ? 55  HOH A O     1 
HETATM 498 O O     . HOH C 2 .  ? -12.835 -17.182 -12.821 1.00 10.00 ? 57  HOH A O     1 
HETATM 499 O O     . HOH C 2 .  ? 3.434   2.327   5.617   1.00 10.00 ? 58  HOH A O     1 
HETATM 500 O O     . HOH C 2 .  ? 3.573   -10.205 -0.593  1.00 10.00 ? 60  HOH A O     1 
HETATM 501 O O     . HOH C 2 .  ? -6.152  -13.958 5.075   1.00 10.00 ? 68  HOH A O     1 
HETATM 502 O O     . HOH C 2 .  ? -4.916  -8.658  -0.205  1.00 10.00 ? 70  HOH A O     1 
HETATM 503 O O     . HOH C 2 .  ? -3.051  -8.005  2.413   1.00 10.00 ? 72  HOH A O     1 
HETATM 504 O O     . HOH C 2 .  ? 6.060   -5.734  -3.521  1.00 10.00 ? 73  HOH A O     1 
HETATM 505 O O     . HOH C 2 .  ? -2.362  17.053  -4.222  1.00 10.00 ? 75  HOH A O     1 
HETATM 506 O O     . HOH C 2 .  ? 11.981  -3.185  2.054   1.00 10.00 ? 79  HOH A O     1 
HETATM 507 O O     . HOH C 2 .  ? -11.376 12.437  4.446   1.00 10.00 ? 80  HOH A O     1 
HETATM 508 O O     . HOH C 2 .  ? 9.167   -1.638  3.003   1.00 10.00 ? 81  HOH A O     1 
HETATM 509 O O     . HOH C 2 .  ? 5.919   -2.591  -4.472  1.00 10.00 ? 83  HOH A O     1 
HETATM 510 O O     . HOH C 2 .  ? -1.642  -5.140  2.086   1.00 10.00 ? 85  HOH A O     1 
HETATM 511 O O     . HOH C 2 .  ? -12.553 -13.243 -12.043 1.00 10.00 ? 86  HOH A O     1 
HETATM 512 O O     . HOH C 2 .  ? -5.465  17.190  -1.274  1.00 10.00 ? 88  HOH A O     1 
HETATM 513 O O     . HOH C 2 .  ? 8.750   -2.931  -4.070  1.00 10.00 ? 89  HOH A O     1 
HETATM 514 O O     . HOH C 2 .  ? 0.570   15.254  -0.010  1.00 10.00 ? 92  HOH A O     1 
HETATM 515 O O     . HOH C 2 .  ? -10.162 -18.380 -14.200 1.00 10.00 ? 93  HOH A O     1 
HETATM 516 O O     . HOH C 2 .  ? -10.305 -8.546  -6.803  1.00 10.00 ? 96  HOH A O     1 
HETATM 517 O O     . HOH C 2 .  ? -7.714  -11.975 2.316   1.00 10.00 ? 97  HOH A O     1 
HETATM 518 O O     . HOH C 2 .  ? -13.575 9.548   9.192   1.00 10.00 ? 98  HOH A O     1 
HETATM 519 O O     . HOH D 2 .  ? -1.171  5.463   -2.353  1.00 10.00 ? 25  HOH B O     1 
HETATM 520 O O     . HOH D 2 .  ? 4.261   -0.464  -4.410  1.00 10.00 ? 27  HOH B O     1 
HETATM 521 O O     . HOH D 2 .  ? 3.008   7.777   21.537  1.00 10.00 ? 28  HOH B O     1 
HETATM 522 O O     . HOH D 2 .  ? -5.333  0.869   -5.397  1.00 10.00 ? 29  HOH B O     1 
HETATM 523 O O     . HOH D 2 .  ? 0.859   3.257   -3.960  1.00 10.00 ? 30  HOH B O     1 
HETATM 524 O O     . HOH D 2 .  ? 8.967   14.946  14.976  1.00 10.00 ? 31  HOH B O     1 
HETATM 525 O O     . HOH D 2 .  ? -3.811  -4.492  -0.956  1.00 10.00 ? 32  HOH B O     1 
HETATM 526 O O     . HOH D 2 .  ? 6.344   -16.181 -10.617 1.00 10.00 ? 36  HOH B O     1 
HETATM 527 O O     . HOH D 2 .  ? 4.818   6.629   19.635  1.00 10.00 ? 37  HOH B O     1 
HETATM 528 O O     . HOH D 2 .  ? 2.867   7.798   17.609  1.00 10.00 ? 38  HOH B O     1 
HETATM 529 O O     . HOH D 2 .  ? 9.091   13.037  17.413  1.00 10.00 ? 41  HOH B O     1 
HETATM 530 O O     . HOH D 2 .  ? -1.956  4.441   15.996  1.00 10.00 ? 43  HOH B O     1 
HETATM 531 O O     . HOH D 2 .  ? 7.344   -19.760 -3.054  1.00 10.00 ? 44  HOH B O     1 
HETATM 532 O O     . HOH D 2 .  ? -3.897  7.362   0.799   1.00 10.00 ? 46  HOH B O     1 
HETATM 533 O O     . HOH D 2 .  ? -2.867  -7.799  -11.841 1.00 10.00 ? 47  HOH B O     1 
HETATM 534 O O     . HOH D 2 .  ? -4.512  3.687   -11.370 1.00 10.00 ? 49  HOH B O     1 
HETATM 535 O O     . HOH D 2 .  ? 9.878   -2.970  -12.682 1.00 10.00 ? 51  HOH B O     1 
HETATM 536 O O     . HOH D 2 .  ? 4.023   -16.198 -12.114 1.00 10.00 ? 52  HOH B O     1 
HETATM 537 O O     . HOH D 2 .  ? -3.599  7.560   -4.051  1.00 10.00 ? 56  HOH B O     1 
HETATM 538 O O     . HOH D 2 .  ? -3.751  -5.563  -3.617  1.00 10.00 ? 59  HOH B O     1 
HETATM 539 O O     . HOH D 2 .  ? 5.196   -9.514  -5.880  1.00 10.00 ? 61  HOH B O     1 
HETATM 540 O O     . HOH D 2 .  ? 4.527   6.336   5.632   1.00 10.00 ? 62  HOH B O     1 
HETATM 541 O O     . HOH D 2 .  ? -6.168  1.343   -7.990  1.00 10.00 ? 63  HOH B O     1 
HETATM 542 O O     . HOH D 2 .  ? 0.270   5.300   17.770  1.00 10.00 ? 64  HOH B O     1 
HETATM 543 O O     . HOH D 2 .  ? -5.868  0.347   4.674   1.00 10.00 ? 65  HOH B O     1 
HETATM 544 O O     . HOH D 2 .  ? -10.133 7.101   4.594   1.00 10.00 ? 66  HOH B O     1 
HETATM 545 O O     . HOH D 2 .  ? 0.011   -6.102  -11.504 1.00 10.00 ? 67  HOH B O     1 
HETATM 546 O O     . HOH D 2 .  ? 10.307  -4.826  -8.686  1.00 10.00 ? 69  HOH B O     1 
HETATM 547 O O     . HOH D 2 .  ? 2.612   19.754  9.480   1.00 10.00 ? 71  HOH B O     1 
HETATM 548 O O     . HOH D 2 .  ? 12.129  -4.824  -11.904 1.00 10.00 ? 74  HOH B O     1 
HETATM 549 O O     . HOH D 2 .  ? 5.533   -22.122 -2.732  1.00 10.00 ? 76  HOH B O     1 
HETATM 550 O O     . HOH D 2 .  ? -12.767 1.649   1.801   1.00 10.00 ? 77  HOH B O     1 
HETATM 551 O O     . HOH D 2 .  ? -9.218  0.251   4.408   1.00 10.00 ? 78  HOH B O     1 
HETATM 552 O O     . HOH D 2 .  ? 10.929  -14.056 -7.172  1.00 10.00 ? 82  HOH B O     1 
HETATM 553 O O     . HOH D 2 .  ? -7.471  0.015   -3.892  1.00 10.00 ? 84  HOH B O     1 
HETATM 554 O O     . HOH D 2 .  ? 4.521   -3.371  -13.279 1.00 10.00 ? 87  HOH B O     1 
HETATM 555 O O     . HOH D 2 .  ? -3.168  1.735   16.176  1.00 10.00 ? 90  HOH B O     1 
HETATM 556 O O     . HOH D 2 .  ? -7.415  0.819   1.673   1.00 10.00 ? 91  HOH B O     1 
HETATM 557 O O     . HOH D 2 .  ? -3.515  -8.544  -9.300  1.00 10.00 ? 94  HOH B O     1 
HETATM 558 O O     . HOH D 2 .  ? 1.451   1.734   13.537  1.00 10.00 ? 95  HOH B O     1 
HETATM 559 O O     . HOH D 2 .  ? 5.990   2.896   -6.897  1.00 10.00 ? 99  HOH B O     1 
HETATM 560 O O     . HOH D 2 .  ? -12.525 4.202   4.039   1.00 10.00 ? 100 HOH B O     1 
HETATM 561 O O     . HOH D 2 .  ? 7.325   -2.095  -13.072 1.00 10.00 ? 101 HOH B O     1 
HETATM 562 O O     . HOH D 2 .  ? 9.831   -20.668 -6.181  1.00 10.00 ? 102 HOH B O     1 
# 
